data_9E4U
#
_entry.id   9E4U
#
_cell.length_a   59.408
_cell.length_b   59.408
_cell.length_c   479.709
_cell.angle_alpha   90.000
_cell.angle_beta   90.000
_cell.angle_gamma   120.000
#
_symmetry.space_group_name_H-M   'P 32 2 1'
#
loop_
_entity.id
_entity.type
_entity.pdbx_description
1 polymer 'Amino acid adenylation domain protein'
2 non-polymer '1,4-DIHYDRONICOTINAMIDE ADENINE DINUCLEOTIDE'
3 water water
#
_entity_poly.entity_id   1
_entity_poly.type   'polypeptide(L)'
_entity_poly.pdbx_seq_one_letter_code
;MSINNEVQETLNKEVVQTKNSEYVQFESRSLLSLFTVGKIPPVDAAALCYWGEYDPEMFDWSRDYMIENIFENLPFWTMI
KQTNWGRIAIIALPRFVSDLYSNQDDAVQVIIEALEMAGIIGAKFVSLTGLIPSATDYGLAITKAVANREDLPKITTGHR
TTGAAVVLTIKKICEQGGRDLSTEKVGFIGLGSVGMNVLPLMLKCLPHPQEITLCDVYSKLEFLENIEQNLVHKFGFKGK
IKLALSKTTVPQEIYDSTLIVGATNVANVLDIMQVKPGTLIVDDSGPHCFSVEQAIKRFQEREDILFSEGGMLRSPFPIK
TTVHLLPSVEKIMNNAQKEAVFNSNPFNIMGCAFSALLSSQFEQLEPTVGICDGEQSELHYQILQELEFEAGDLHCEHYV
LPAKSIANFRQRFGKDLLEHHHHHH
;
_entity_poly.pdbx_strand_id   A,B
#
# COMPACT_ATOMS: atom_id res chain seq x y z
N ASN A 5 19.94 -17.53 -10.65
CA ASN A 5 18.82 -18.45 -10.84
C ASN A 5 17.85 -18.40 -9.66
N GLU A 6 16.59 -18.72 -9.93
CA GLU A 6 15.49 -18.41 -9.04
C GLU A 6 15.00 -19.61 -8.23
N VAL A 7 15.84 -20.61 -8.02
CA VAL A 7 15.40 -21.79 -7.29
C VAL A 7 15.57 -21.63 -5.78
N GLN A 8 16.62 -20.93 -5.34
CA GLN A 8 16.82 -20.74 -3.90
C GLN A 8 15.75 -19.86 -3.30
N GLU A 9 15.32 -18.83 -4.05
CA GLU A 9 14.36 -17.87 -3.51
C GLU A 9 12.97 -18.48 -3.40
N THR A 10 12.56 -19.28 -4.39
CA THR A 10 11.25 -19.91 -4.31
C THR A 10 11.20 -20.99 -3.23
N LEU A 11 12.32 -21.65 -2.95
CA LEU A 11 12.34 -22.62 -1.87
C LEU A 11 12.40 -21.92 -0.51
N ASN A 12 13.15 -20.83 -0.41
CA ASN A 12 13.19 -20.07 0.84
C ASN A 12 11.80 -19.53 1.19
N LYS A 13 11.04 -19.13 0.17
CA LYS A 13 9.66 -18.70 0.39
C LYS A 13 8.76 -19.89 0.70
N GLU A 14 9.11 -21.08 0.22
CA GLU A 14 8.39 -22.29 0.60
C GLU A 14 8.63 -22.66 2.05
N VAL A 15 9.83 -22.38 2.57
CA VAL A 15 10.16 -22.76 3.95
C VAL A 15 9.32 -21.96 4.94
N VAL A 16 9.23 -20.64 4.74
CA VAL A 16 8.47 -19.82 5.67
C VAL A 16 6.98 -20.07 5.54
N GLN A 17 6.51 -20.48 4.36
CA GLN A 17 5.09 -20.75 4.17
C GLN A 17 4.69 -22.09 4.78
N THR A 18 5.49 -23.14 4.53
CA THR A 18 5.22 -24.44 5.12
C THR A 18 5.52 -24.48 6.61
N LYS A 19 6.17 -23.45 7.16
CA LYS A 19 6.37 -23.33 8.60
C LYS A 19 5.39 -22.37 9.24
N ASN A 20 4.52 -21.72 8.47
CA ASN A 20 3.47 -20.89 9.03
C ASN A 20 2.53 -21.74 9.88
N SER A 21 2.62 -21.61 11.21
CA SER A 21 1.72 -22.32 12.09
C SER A 21 0.32 -21.71 12.01
N GLU A 22 -0.59 -22.27 12.81
CA GLU A 22 -1.95 -21.75 12.87
C GLU A 22 -2.00 -20.33 13.40
N TYR A 23 -0.91 -19.84 14.04
CA TYR A 23 -0.94 -18.57 14.74
C TYR A 23 0.23 -17.66 14.40
N VAL A 24 1.13 -18.05 13.50
CA VAL A 24 2.20 -17.18 13.04
C VAL A 24 2.32 -17.38 11.53
N GLN A 25 2.05 -16.31 10.77
CA GLN A 25 2.05 -16.38 9.32
C GLN A 25 2.91 -15.25 8.76
N PHE A 26 3.99 -15.63 8.08
CA PHE A 26 4.76 -14.66 7.31
C PHE A 26 4.09 -14.39 5.99
N GLU A 27 4.22 -13.14 5.52
CA GLU A 27 3.68 -12.72 4.24
C GLU A 27 4.74 -11.86 3.56
N SER A 28 5.20 -12.30 2.38
CA SER A 28 6.26 -11.58 1.68
C SER A 28 5.74 -10.36 0.92
N ARG A 29 4.43 -10.28 0.67
CA ARG A 29 3.87 -9.16 -0.08
C ARG A 29 3.40 -8.06 0.87
N SER A 30 3.30 -6.85 0.33
CA SER A 30 2.92 -5.69 1.13
C SER A 30 1.55 -5.88 1.78
N LEU A 31 1.49 -5.71 3.10
CA LEU A 31 0.21 -5.74 3.79
C LEU A 31 -0.70 -4.62 3.30
N LEU A 32 -0.13 -3.44 3.05
CA LEU A 32 -0.94 -2.34 2.54
C LEU A 32 -1.57 -2.69 1.20
N SER A 33 -0.77 -3.21 0.26
CA SER A 33 -1.32 -3.61 -1.04
C SER A 33 -2.40 -4.66 -0.88
N LEU A 34 -2.11 -5.73 -0.13
CA LEU A 34 -3.08 -6.79 0.05
C LEU A 34 -4.38 -6.27 0.65
N PHE A 35 -4.29 -5.31 1.57
CA PHE A 35 -5.50 -4.71 2.12
C PHE A 35 -6.28 -3.96 1.04
N THR A 36 -5.59 -3.22 0.16
CA THR A 36 -6.31 -2.39 -0.80
C THR A 36 -7.00 -3.22 -1.87
N VAL A 37 -6.49 -4.43 -2.17
CA VAL A 37 -7.13 -5.30 -3.14
C VAL A 37 -8.17 -6.22 -2.50
N GLY A 38 -8.41 -6.09 -1.19
CA GLY A 38 -9.47 -6.82 -0.54
C GLY A 38 -9.12 -8.17 0.02
N LYS A 39 -7.83 -8.51 0.11
CA LYS A 39 -7.40 -9.80 0.64
C LYS A 39 -7.09 -9.77 2.12
N ILE A 40 -6.99 -8.60 2.73
CA ILE A 40 -6.77 -8.47 4.17
C ILE A 40 -7.89 -7.61 4.74
N PRO A 41 -8.66 -8.10 5.70
CA PRO A 41 -9.76 -7.31 6.26
C PRO A 41 -9.24 -6.14 7.07
N PRO A 42 -10.06 -5.12 7.28
CA PRO A 42 -9.61 -3.96 8.06
C PRO A 42 -9.38 -4.32 9.52
N VAL A 43 -8.69 -3.41 10.21
CA VAL A 43 -8.38 -3.57 11.63
C VAL A 43 -9.24 -2.60 12.42
N ASP A 44 -9.34 -2.86 13.72
CA ASP A 44 -10.07 -2.01 14.65
C ASP A 44 -9.19 -1.03 15.40
N ALA A 45 -7.87 -1.22 15.38
CA ALA A 45 -6.93 -0.41 16.13
C ALA A 45 -5.54 -0.61 15.54
N ALA A 46 -4.59 0.18 16.03
CA ALA A 46 -3.22 0.09 15.57
C ALA A 46 -2.28 0.50 16.69
N ALA A 47 -1.02 0.12 16.55
CA ALA A 47 0.01 0.54 17.48
C ALA A 47 1.23 0.99 16.70
N LEU A 48 1.85 2.10 17.13
CA LEU A 48 3.01 2.66 16.46
C LEU A 48 4.27 2.26 17.19
N CYS A 49 5.26 1.81 16.44
CA CYS A 49 6.57 1.48 16.98
C CYS A 49 7.64 2.09 16.10
N TYR A 50 8.87 2.08 16.59
CA TYR A 50 10.03 2.58 15.88
C TYR A 50 11.02 1.43 15.68
N TRP A 51 12.02 1.66 14.83
CA TRP A 51 12.99 0.62 14.43
C TRP A 51 14.08 0.46 15.49
N GLY A 52 13.74 0.43 16.78
CA GLY A 52 14.78 0.25 17.78
C GLY A 52 15.90 1.25 17.69
N GLU A 53 17.14 0.77 17.86
CA GLU A 53 18.31 1.61 17.72
C GLU A 53 19.23 1.06 16.64
N TYR A 54 19.93 1.96 15.97
CA TYR A 54 20.76 1.65 14.80
C TYR A 54 22.13 1.16 15.23
N ASP A 55 22.51 -0.05 14.79
CA ASP A 55 23.90 -0.50 14.88
C ASP A 55 24.63 -0.11 13.62
N PRO A 56 25.81 0.50 13.71
CA PRO A 56 26.60 0.72 12.50
C PRO A 56 27.00 -0.56 11.79
N GLU A 57 26.95 -1.72 12.46
CA GLU A 57 27.37 -2.97 11.85
C GLU A 57 26.37 -4.11 11.98
N MET A 58 25.14 -3.84 12.41
CA MET A 58 24.06 -4.78 12.08
C MET A 58 23.65 -4.60 10.63
N PHE A 59 23.50 -3.35 10.19
CA PHE A 59 23.23 -3.01 8.82
C PHE A 59 24.50 -2.50 8.15
N ASP A 60 24.64 -2.77 6.86
CA ASP A 60 25.78 -2.27 6.09
C ASP A 60 25.56 -0.86 5.57
N TRP A 61 24.36 -0.31 5.74
CA TRP A 61 24.07 1.07 5.36
C TRP A 61 24.35 2.01 6.52
N SER A 62 24.41 3.30 6.20
CA SER A 62 24.47 4.32 7.25
C SER A 62 23.08 4.60 7.77
N ARG A 63 23.01 5.23 8.95
CA ARG A 63 21.72 5.56 9.53
C ARG A 63 20.92 6.49 8.61
N ASP A 64 21.59 7.46 7.99
CA ASP A 64 20.88 8.37 7.11
C ASP A 64 20.41 7.67 5.85
N TYR A 65 21.19 6.73 5.33
CA TYR A 65 20.77 6.00 4.14
C TYR A 65 19.55 5.13 4.44
N MET A 66 19.50 4.51 5.62
CA MET A 66 18.35 3.68 5.97
C MET A 66 17.07 4.51 6.03
N ILE A 67 17.12 5.66 6.70
CA ILE A 67 15.93 6.49 6.85
C ILE A 67 15.44 6.96 5.47
N GLU A 68 16.37 7.42 4.62
CA GLU A 68 16.00 8.03 3.35
C GLU A 68 15.64 6.99 2.29
N ASN A 69 16.39 5.89 2.22
CA ASN A 69 16.28 4.97 1.11
C ASN A 69 15.73 3.58 1.46
N ILE A 70 15.83 3.16 2.72
CA ILE A 70 15.20 1.91 3.13
C ILE A 70 13.80 2.15 3.68
N PHE A 71 13.68 3.02 4.68
CA PHE A 71 12.37 3.39 5.20
C PHE A 71 11.64 4.36 4.29
N GLU A 72 12.38 5.17 3.51
CA GLU A 72 11.81 6.15 2.58
C GLU A 72 10.90 7.16 3.30
N ASN A 73 11.20 7.46 4.56
CA ASN A 73 10.44 8.42 5.36
C ASN A 73 8.95 8.10 5.39
N LEU A 74 8.61 6.82 5.37
CA LEU A 74 7.21 6.42 5.31
C LEU A 74 6.91 5.40 6.39
N PRO A 75 5.73 5.45 6.98
CA PRO A 75 5.33 4.40 7.93
C PRO A 75 5.19 3.08 7.20
N PHE A 76 5.49 1.99 7.91
CA PHE A 76 5.54 0.66 7.33
C PHE A 76 4.67 -0.26 8.17
N TRP A 77 3.58 -0.74 7.56
CA TRP A 77 2.66 -1.67 8.22
C TRP A 77 3.29 -3.06 8.20
N THR A 78 3.77 -3.52 9.36
CA THR A 78 4.59 -4.72 9.43
C THR A 78 3.91 -5.94 10.06
N MET A 79 2.87 -5.75 10.88
CA MET A 79 2.23 -6.88 11.54
C MET A 79 0.73 -6.66 11.67
N ILE A 80 0.02 -7.76 11.84
CA ILE A 80 -1.39 -7.78 12.21
C ILE A 80 -1.56 -8.79 13.36
N LYS A 81 -2.23 -8.37 14.43
CA LYS A 81 -2.54 -9.25 15.56
C LYS A 81 -4.04 -9.54 15.53
N GLN A 82 -4.38 -10.80 15.26
CA GLN A 82 -5.78 -11.25 15.24
C GLN A 82 -6.11 -11.87 16.59
N THR A 83 -6.91 -11.17 17.39
CA THR A 83 -7.32 -11.64 18.70
C THR A 83 -8.83 -11.90 18.71
N ASN A 84 -9.30 -12.49 19.81
CA ASN A 84 -10.73 -12.72 19.98
C ASN A 84 -11.51 -11.44 20.22
N TRP A 85 -10.86 -10.27 20.25
CA TRP A 85 -11.54 -9.02 20.53
C TRP A 85 -11.23 -7.95 19.49
N GLY A 86 -10.75 -8.36 18.32
CA GLY A 86 -10.48 -7.44 17.23
C GLY A 86 -9.12 -7.67 16.62
N ARG A 87 -8.78 -6.78 15.69
CA ARG A 87 -7.53 -6.85 14.94
C ARG A 87 -6.73 -5.58 15.18
N ILE A 88 -5.41 -5.73 15.32
CA ILE A 88 -4.51 -4.61 15.59
C ILE A 88 -3.42 -4.62 14.52
N ALA A 89 -3.19 -3.46 13.90
CA ALA A 89 -2.07 -3.29 12.99
C ALA A 89 -0.88 -2.73 13.75
N ILE A 90 0.31 -3.26 13.44
CA ILE A 90 1.55 -2.77 14.00
C ILE A 90 2.28 -1.99 12.92
N ILE A 91 2.49 -0.70 13.15
CA ILE A 91 3.01 0.22 12.14
C ILE A 91 4.31 0.82 12.63
N ALA A 92 5.39 0.60 11.89
CA ALA A 92 6.71 1.11 12.24
C ALA A 92 6.90 2.52 11.67
N LEU A 93 7.17 3.48 12.55
CA LEU A 93 7.58 4.81 12.10
C LEU A 93 8.96 4.72 11.46
N PRO A 94 9.24 5.55 10.44
CA PRO A 94 10.55 5.49 9.76
C PRO A 94 11.66 6.20 10.53
N ARG A 95 11.82 5.82 11.80
CA ARG A 95 12.74 6.51 12.69
C ARG A 95 13.31 5.55 13.71
N PHE A 96 14.52 5.85 14.18
CA PHE A 96 15.07 5.20 15.37
C PHE A 96 14.71 6.02 16.60
N VAL A 97 14.97 5.45 17.77
CA VAL A 97 14.50 6.09 19.01
C VAL A 97 15.24 7.41 19.24
N SER A 98 16.52 7.47 18.88
CA SER A 98 17.26 8.70 19.08
C SER A 98 16.82 9.80 18.12
N ASP A 99 16.19 9.45 17.00
CA ASP A 99 15.63 10.46 16.10
C ASP A 99 14.41 11.13 16.72
N LEU A 100 13.66 10.41 17.56
CA LEU A 100 12.46 10.96 18.17
C LEU A 100 12.79 11.92 19.31
N TYR A 101 13.95 11.76 19.94
CA TYR A 101 14.35 12.64 21.03
C TYR A 101 15.04 13.90 20.54
N SER A 102 15.70 13.86 19.39
CA SER A 102 16.47 15.00 18.91
C SER A 102 15.64 15.98 18.10
N ASN A 103 14.46 15.57 17.64
CA ASN A 103 13.62 16.45 16.82
C ASN A 103 12.16 16.05 17.07
N GLN A 104 11.55 16.67 18.08
CA GLN A 104 10.18 16.33 18.44
C GLN A 104 9.18 16.76 17.37
N ASP A 105 9.44 17.89 16.70
CA ASP A 105 8.52 18.34 15.67
C ASP A 105 8.47 17.36 14.51
N ASP A 106 9.63 16.83 14.10
CA ASP A 106 9.66 15.80 13.07
C ASP A 106 8.94 14.54 13.54
N ALA A 107 9.16 14.14 14.80
CA ALA A 107 8.48 12.96 15.32
C ALA A 107 6.98 13.11 15.25
N VAL A 108 6.46 14.29 15.61
CA VAL A 108 5.03 14.52 15.55
C VAL A 108 4.53 14.41 14.11
N GLN A 109 5.30 14.94 13.17
CA GLN A 109 4.87 14.94 11.77
C GLN A 109 4.76 13.52 11.22
N VAL A 110 5.78 12.69 11.46
CA VAL A 110 5.72 11.33 10.94
C VAL A 110 4.66 10.51 11.68
N ILE A 111 4.35 10.85 12.93
CA ILE A 111 3.28 10.14 13.62
C ILE A 111 1.93 10.47 12.99
N ILE A 112 1.71 11.74 12.64
CA ILE A 112 0.45 12.14 12.03
C ILE A 112 0.25 11.46 10.68
N GLU A 113 1.34 11.37 9.89
CA GLU A 113 1.29 10.60 8.65
C GLU A 113 0.91 9.15 8.92
N ALA A 114 1.42 8.57 10.00
CA ALA A 114 1.06 7.19 10.34
C ALA A 114 -0.37 7.10 10.85
N LEU A 115 -0.85 8.14 11.54
CA LEU A 115 -2.25 8.13 11.98
C LEU A 115 -3.20 8.14 10.79
N GLU A 116 -2.81 8.81 9.69
CA GLU A 116 -3.66 8.86 8.52
C GLU A 116 -3.71 7.50 7.81
N MET A 117 -2.56 6.83 7.70
CA MET A 117 -2.55 5.47 7.18
C MET A 117 -3.36 4.53 8.07
N ALA A 118 -3.24 4.70 9.40
CA ALA A 118 -3.99 3.87 10.33
C ALA A 118 -5.50 4.02 10.12
N GLY A 119 -5.96 5.23 9.83
CA GLY A 119 -7.38 5.44 9.59
C GLY A 119 -7.85 4.77 8.30
N ILE A 120 -7.00 4.76 7.28
CA ILE A 120 -7.37 4.16 6.00
C ILE A 120 -7.64 2.67 6.16
N ILE A 121 -6.83 2.00 7.00
CA ILE A 121 -6.99 0.56 7.18
C ILE A 121 -7.98 0.21 8.29
N GLY A 122 -8.62 1.20 8.90
CA GLY A 122 -9.77 0.97 9.76
C GLY A 122 -9.56 1.25 11.23
N ALA A 123 -8.36 1.62 11.66
CA ALA A 123 -8.10 1.77 13.09
C ALA A 123 -8.89 2.93 13.66
N LYS A 124 -9.59 2.69 14.78
CA LYS A 124 -10.28 3.78 15.46
C LYS A 124 -9.45 4.37 16.59
N PHE A 125 -8.46 3.63 17.09
CA PHE A 125 -7.57 4.11 18.12
C PHE A 125 -6.17 3.62 17.79
N VAL A 126 -5.16 4.39 18.22
CA VAL A 126 -3.78 4.09 17.91
C VAL A 126 -2.95 4.23 19.17
N SER A 127 -2.30 3.15 19.58
CA SER A 127 -1.39 3.19 20.73
C SER A 127 -0.03 3.70 20.34
N LEU A 128 0.58 4.45 21.25
CA LEU A 128 1.96 4.92 21.11
C LEU A 128 2.83 4.05 22.00
N THR A 129 3.51 3.07 21.39
CA THR A 129 4.25 2.08 22.17
C THR A 129 5.66 2.57 22.48
N GLY A 130 6.32 1.85 23.39
CA GLY A 130 7.72 2.10 23.66
C GLY A 130 7.94 3.45 24.31
N LEU A 131 8.96 4.15 23.83
CA LEU A 131 9.33 5.47 24.33
C LEU A 131 8.67 6.61 23.55
N ILE A 132 7.71 6.31 22.69
CA ILE A 132 7.02 7.37 21.95
C ILE A 132 6.33 8.35 22.90
N PRO A 133 5.58 7.91 23.93
CA PRO A 133 5.04 8.91 24.87
C PRO A 133 6.10 9.77 25.52
N SER A 134 7.20 9.16 25.95
CA SER A 134 8.28 9.92 26.58
C SER A 134 8.86 10.99 25.67
N ALA A 135 8.76 10.83 24.34
CA ALA A 135 9.37 11.79 23.42
C ALA A 135 8.38 12.77 22.80
N THR A 136 7.09 12.62 23.07
CA THR A 136 6.04 13.45 22.48
C THR A 136 5.18 14.07 23.55
N ASP A 137 5.79 14.47 24.67
CA ASP A 137 5.07 15.02 25.82
C ASP A 137 3.89 14.14 26.20
N TYR A 138 4.11 12.83 26.17
CA TYR A 138 3.10 11.83 26.52
C TYR A 138 1.83 11.99 25.69
N GLY A 139 2.02 12.24 24.40
CA GLY A 139 0.93 12.43 23.47
C GLY A 139 0.51 13.87 23.27
N LEU A 140 0.87 14.77 24.18
CA LEU A 140 0.37 16.15 24.11
C LEU A 140 0.90 16.89 22.89
N ALA A 141 2.15 16.63 22.50
CA ALA A 141 2.67 17.30 21.31
C ALA A 141 1.94 16.87 20.05
N ILE A 142 1.38 15.65 20.05
CA ILE A 142 0.61 15.18 18.90
C ILE A 142 -0.80 15.76 18.91
N THR A 143 -1.44 15.81 20.09
CA THR A 143 -2.79 16.34 20.16
C THR A 143 -2.85 17.81 19.80
N LYS A 144 -1.80 18.58 20.13
CA LYS A 144 -1.74 19.98 19.74
C LYS A 144 -1.74 20.14 18.22
N ALA A 145 -1.07 19.23 17.52
CA ALA A 145 -0.96 19.29 16.07
C ALA A 145 -2.20 18.76 15.36
N VAL A 146 -2.82 17.71 15.91
CA VAL A 146 -4.08 17.24 15.31
C VAL A 146 -5.18 18.26 15.51
N ALA A 147 -5.05 19.13 16.52
CA ALA A 147 -5.97 20.24 16.76
C ALA A 147 -7.42 19.78 16.77
N ASN A 148 -8.24 20.37 15.90
CA ASN A 148 -9.65 20.06 15.82
C ASN A 148 -9.98 19.04 14.73
N ARG A 149 -8.97 18.43 14.11
CA ARG A 149 -9.21 17.37 13.15
C ARG A 149 -9.97 16.22 13.81
N GLU A 150 -10.99 15.73 13.11
CA GLU A 150 -11.74 14.55 13.54
C GLU A 150 -11.65 13.41 12.54
N ASP A 151 -10.90 13.59 11.45
CA ASP A 151 -10.69 12.55 10.46
C ASP A 151 -9.70 11.48 10.91
N LEU A 152 -8.93 11.73 11.99
CA LEU A 152 -7.86 10.83 12.40
C LEU A 152 -8.31 9.94 13.56
N PRO A 153 -7.71 8.76 13.68
CA PRO A 153 -7.95 7.94 14.88
C PRO A 153 -7.39 8.64 16.11
N LYS A 154 -8.03 8.38 17.25
CA LYS A 154 -7.60 8.96 18.51
C LYS A 154 -6.38 8.21 19.04
N ILE A 155 -5.43 8.96 19.60
CA ILE A 155 -4.22 8.34 20.10
C ILE A 155 -4.44 7.92 21.56
N THR A 156 -3.55 7.06 22.05
CA THR A 156 -3.51 6.72 23.46
C THR A 156 -2.11 6.26 23.81
N THR A 157 -1.65 6.62 25.01
CA THR A 157 -0.36 6.12 25.47
C THR A 157 -0.46 4.66 25.91
N GLY A 158 -1.66 4.20 26.25
CA GLY A 158 -1.87 2.83 26.69
C GLY A 158 -1.35 2.52 28.08
N HIS A 159 -0.89 3.53 28.82
CA HIS A 159 -0.19 3.26 30.07
C HIS A 159 -1.11 2.78 31.19
N ARG A 160 -2.43 2.94 31.05
CA ARG A 160 -3.33 2.35 32.02
C ARG A 160 -3.42 0.85 31.85
N THR A 161 -3.41 0.38 30.61
CA THR A 161 -3.37 -1.05 30.37
C THR A 161 -1.99 -1.62 30.68
N THR A 162 -0.93 -0.84 30.44
CA THR A 162 0.40 -1.27 30.83
C THR A 162 0.52 -1.40 32.34
N GLY A 163 -0.02 -0.44 33.09
CA GLY A 163 0.01 -0.53 34.53
C GLY A 163 -0.72 -1.75 35.05
N ALA A 164 -1.85 -2.09 34.43
CA ALA A 164 -2.58 -3.30 34.80
C ALA A 164 -1.73 -4.55 34.58
N ALA A 165 -0.98 -4.59 33.47
CA ALA A 165 -0.11 -5.73 33.20
C ALA A 165 1.00 -5.83 34.24
N VAL A 166 1.51 -4.70 34.71
CA VAL A 166 2.56 -4.72 35.72
C VAL A 166 2.03 -5.29 37.03
N VAL A 167 0.81 -4.92 37.41
CA VAL A 167 0.21 -5.43 38.63
C VAL A 167 -0.14 -6.90 38.47
N LEU A 168 -0.63 -7.29 37.29
CA LEU A 168 -0.83 -8.71 37.01
C LEU A 168 0.48 -9.48 37.12
N THR A 169 1.58 -8.87 36.67
CA THR A 169 2.89 -9.51 36.79
C THR A 169 3.33 -9.60 38.24
N ILE A 170 3.08 -8.55 39.02
CA ILE A 170 3.36 -8.60 40.46
C ILE A 170 2.60 -9.75 41.10
N LYS A 171 1.33 -9.91 40.70
CA LYS A 171 0.51 -11.01 41.22
C LYS A 171 1.08 -12.37 40.80
N LYS A 172 1.60 -12.47 39.57
CA LYS A 172 2.06 -13.75 39.06
C LYS A 172 3.43 -14.12 39.59
N ILE A 173 4.32 -13.13 39.76
CA ILE A 173 5.66 -13.45 40.22
C ILE A 173 5.65 -13.84 41.70
N CYS A 174 4.69 -13.31 42.46
CA CYS A 174 4.55 -13.71 43.86
C CYS A 174 4.00 -15.13 43.97
N GLU A 175 2.97 -15.47 43.18
CA GLU A 175 2.42 -16.82 43.20
C GLU A 175 3.47 -17.85 42.80
N GLN A 176 4.12 -17.65 41.66
CA GLN A 176 5.12 -18.61 41.19
C GLN A 176 6.35 -18.62 42.09
N GLY A 177 6.64 -17.51 42.76
CA GLY A 177 7.68 -17.49 43.78
C GLY A 177 7.26 -18.13 45.09
N GLY A 178 6.00 -18.53 45.21
CA GLY A 178 5.50 -19.07 46.46
C GLY A 178 5.50 -18.06 47.58
N ARG A 179 5.29 -16.79 47.27
CA ARG A 179 5.38 -15.75 48.29
C ARG A 179 4.11 -14.92 48.35
N ASP A 180 3.94 -14.26 49.49
CA ASP A 180 2.76 -13.44 49.79
C ASP A 180 3.17 -11.97 49.76
N LEU A 181 2.40 -11.16 49.03
CA LEU A 181 2.75 -9.76 48.87
C LEU A 181 2.68 -8.99 50.17
N SER A 182 1.80 -9.39 51.10
CA SER A 182 1.60 -8.63 52.33
C SER A 182 2.84 -8.63 53.23
N THR A 183 3.80 -9.53 53.00
CA THR A 183 5.04 -9.55 53.77
C THR A 183 6.24 -9.13 52.94
N GLU A 184 6.01 -8.51 51.79
CA GLU A 184 7.11 -8.07 50.92
C GLU A 184 7.52 -6.66 51.29
N LYS A 185 8.79 -6.35 51.00
CA LYS A 185 9.28 -4.97 50.99
C LYS A 185 9.39 -4.56 49.53
N VAL A 186 8.43 -3.75 49.07
CA VAL A 186 8.33 -3.38 47.67
C VAL A 186 9.07 -2.07 47.42
N GLY A 187 9.96 -2.09 46.43
CA GLY A 187 10.66 -0.88 46.03
C GLY A 187 10.32 -0.45 44.62
N PHE A 188 9.98 0.81 44.45
CA PHE A 188 9.64 1.33 43.16
C PHE A 188 10.77 2.18 42.64
N ILE A 189 11.35 1.78 41.53
CA ILE A 189 12.42 2.53 40.95
C ILE A 189 11.84 3.36 39.83
N GLY A 190 11.68 4.64 40.10
CA GLY A 190 11.12 5.52 39.11
C GLY A 190 9.62 5.55 39.07
N LEU A 191 9.04 6.65 39.51
CA LEU A 191 7.61 6.78 39.46
C LEU A 191 7.22 7.73 38.34
N GLY A 192 7.17 7.20 37.12
CA GLY A 192 6.78 8.00 35.98
C GLY A 192 5.39 7.68 35.50
N SER A 193 5.15 7.78 34.21
CA SER A 193 3.78 7.58 33.75
C SER A 193 3.24 6.21 34.18
N VAL A 194 3.96 5.14 33.84
CA VAL A 194 3.48 3.81 34.19
C VAL A 194 3.50 3.61 35.69
N GLY A 195 4.57 4.04 36.36
CA GLY A 195 4.65 3.91 37.81
C GLY A 195 3.51 4.60 38.55
N MET A 196 3.01 5.71 38.02
CA MET A 196 1.89 6.40 38.63
C MET A 196 0.57 5.64 38.42
N ASN A 197 0.53 4.70 37.49
CA ASN A 197 -0.61 3.80 37.35
C ASN A 197 -0.46 2.54 38.18
N VAL A 198 0.77 2.05 38.35
CA VAL A 198 0.99 0.77 39.02
C VAL A 198 0.75 0.89 40.52
N LEU A 199 1.38 1.88 41.15
CA LEU A 199 1.32 2.01 42.62
C LEU A 199 -0.10 2.13 43.15
N PRO A 200 -0.96 3.03 42.63
CA PRO A 200 -2.34 3.04 43.13
C PRO A 200 -3.09 1.75 42.84
N LEU A 201 -2.95 1.22 41.63
CA LEU A 201 -3.67 0.01 41.25
C LEU A 201 -3.24 -1.18 42.11
N MET A 202 -1.95 -1.24 42.45
CA MET A 202 -1.45 -2.34 43.28
C MET A 202 -2.11 -2.33 44.66
N LEU A 203 -2.28 -1.14 45.23
CA LEU A 203 -2.85 -1.02 46.57
C LEU A 203 -4.34 -1.28 46.60
N LYS A 204 -5.01 -1.24 45.46
CA LYS A 204 -6.46 -1.47 45.41
C LYS A 204 -6.83 -2.90 45.05
N CYS A 205 -5.97 -3.62 44.34
CA CYS A 205 -6.32 -4.94 43.82
C CYS A 205 -5.55 -6.08 44.46
N LEU A 206 -4.41 -5.81 45.06
CA LEU A 206 -3.57 -6.82 45.69
C LEU A 206 -3.40 -6.48 47.16
N PRO A 207 -3.11 -7.47 48.00
CA PRO A 207 -2.86 -7.19 49.42
C PRO A 207 -1.74 -6.17 49.59
N HIS A 208 -1.92 -5.26 50.54
CA HIS A 208 -0.94 -4.20 50.75
C HIS A 208 0.37 -4.81 51.24
N PRO A 209 1.51 -4.33 50.74
CA PRO A 209 2.80 -4.82 51.22
C PRO A 209 3.10 -4.31 52.62
N GLN A 210 4.13 -4.91 53.22
CA GLN A 210 4.58 -4.50 54.54
C GLN A 210 5.35 -3.19 54.51
N GLU A 211 6.05 -2.92 53.42
CA GLU A 211 6.92 -1.75 53.32
C GLU A 211 6.96 -1.30 51.87
N ILE A 212 7.08 0.01 51.67
CA ILE A 212 7.13 0.59 50.33
C ILE A 212 8.24 1.62 50.28
N THR A 213 9.11 1.51 49.29
CA THR A 213 10.21 2.44 49.07
C THR A 213 10.03 3.08 47.70
N LEU A 214 9.93 4.42 47.68
CA LEU A 214 9.84 5.18 46.44
C LEU A 214 11.21 5.72 46.08
N CYS A 215 11.67 5.42 44.87
CA CYS A 215 12.99 5.81 44.39
C CYS A 215 12.85 6.60 43.10
N ASP A 216 13.45 7.79 43.07
CA ASP A 216 13.52 8.61 41.86
C ASP A 216 14.68 9.59 42.03
N VAL A 217 14.89 10.41 41.01
CA VAL A 217 15.99 11.37 40.98
C VAL A 217 15.80 12.43 42.07
N TYR A 218 16.85 13.18 42.37
CA TYR A 218 16.79 14.15 43.46
C TYR A 218 15.78 15.26 43.18
N SER A 219 15.61 15.62 41.90
CA SER A 219 14.73 16.72 41.54
C SER A 219 13.28 16.51 41.97
N LYS A 220 12.90 15.26 42.27
CA LYS A 220 11.51 14.93 42.57
C LYS A 220 11.30 14.63 44.05
N LEU A 221 12.12 15.22 44.92
CA LEU A 221 12.02 14.96 46.36
C LEU A 221 10.62 15.27 46.88
N GLU A 222 10.17 16.52 46.71
CA GLU A 222 8.85 16.89 47.20
C GLU A 222 7.74 16.19 46.43
N PHE A 223 7.98 15.86 45.15
CA PHE A 223 7.01 15.08 44.40
C PHE A 223 6.81 13.71 45.01
N LEU A 224 7.90 13.06 45.41
CA LEU A 224 7.77 11.79 46.13
C LEU A 224 7.18 12.00 47.53
N GLU A 225 7.47 13.14 48.15
CA GLU A 225 6.91 13.42 49.46
C GLU A 225 5.39 13.52 49.40
N ASN A 226 4.86 14.10 48.32
CA ASN A 226 3.41 14.20 48.18
C ASN A 226 2.77 12.88 47.76
N ILE A 227 3.49 12.07 46.97
CA ILE A 227 3.01 10.72 46.69
C ILE A 227 2.92 9.91 47.98
N GLU A 228 3.87 10.12 48.89
CA GLU A 228 3.82 9.47 50.20
C GLU A 228 2.54 9.84 50.95
N GLN A 229 2.11 11.10 50.82
CA GLN A 229 0.86 11.53 51.46
C GLN A 229 -0.34 10.89 50.79
N ASN A 230 -0.28 10.67 49.47
CA ASN A 230 -1.34 9.95 48.79
C ASN A 230 -1.49 8.53 49.33
N LEU A 231 -0.36 7.88 49.64
CA LEU A 231 -0.40 6.50 50.10
C LEU A 231 -1.15 6.38 51.43
N VAL A 232 -0.88 7.27 52.35
CA VAL A 232 -1.43 7.14 53.70
C VAL A 232 -2.86 7.70 53.81
N HIS A 233 -3.23 8.66 52.97
CA HIS A 233 -4.51 9.35 53.13
C HIS A 233 -5.53 9.05 52.05
N LYS A 234 -5.11 8.56 50.88
CA LYS A 234 -6.04 8.20 49.81
C LYS A 234 -6.23 6.69 49.72
N PHE A 235 -5.14 5.94 49.56
CA PHE A 235 -5.20 4.49 49.44
C PHE A 235 -5.08 3.78 50.78
N GLY A 236 -4.86 4.51 51.87
CA GLY A 236 -4.87 3.93 53.20
C GLY A 236 -3.73 2.97 53.48
N PHE A 237 -2.55 3.20 52.92
CA PHE A 237 -1.41 2.34 53.19
C PHE A 237 -0.88 2.62 54.60
N LYS A 238 -0.97 1.62 55.48
CA LYS A 238 -0.60 1.77 56.88
C LYS A 238 0.79 1.25 57.20
N GLY A 239 1.53 0.77 56.20
CA GLY A 239 2.85 0.24 56.41
C GLY A 239 3.92 1.32 56.42
N LYS A 240 5.16 0.88 56.32
CA LYS A 240 6.32 1.77 56.36
C LYS A 240 6.59 2.32 54.96
N ILE A 241 6.89 3.62 54.90
CA ILE A 241 7.17 4.30 53.64
C ILE A 241 8.53 4.95 53.74
N LYS A 242 9.46 4.52 52.89
CA LYS A 242 10.79 5.10 52.83
C LYS A 242 10.97 5.79 51.49
N LEU A 243 11.70 6.91 51.50
CA LEU A 243 11.94 7.71 50.30
C LEU A 243 13.41 7.55 49.92
N ALA A 244 13.66 6.77 48.88
CA ALA A 244 15.00 6.58 48.33
C ALA A 244 15.21 7.54 47.17
N LEU A 245 16.45 7.95 46.97
CA LEU A 245 16.76 9.04 46.07
C LEU A 245 18.14 8.80 45.46
N SER A 246 18.24 8.88 44.14
CA SER A 246 19.52 8.57 43.54
C SER A 246 19.95 9.40 42.35
N LYS A 247 21.24 9.41 42.10
CA LYS A 247 21.74 10.09 40.93
C LYS A 247 22.49 9.04 40.18
N THR A 248 22.20 8.89 38.89
CA THR A 248 22.87 7.89 38.06
C THR A 248 22.45 6.46 38.41
N THR A 249 22.67 6.04 39.65
CA THR A 249 22.36 4.67 40.03
C THR A 249 21.56 4.57 41.29
N VAL A 250 20.75 3.52 41.41
CA VAL A 250 19.91 3.34 42.56
C VAL A 250 20.66 3.42 43.86
N PRO A 251 20.03 3.98 44.89
CA PRO A 251 20.68 3.99 46.21
C PRO A 251 20.71 2.60 46.82
N GLN A 252 21.60 2.42 47.78
CA GLN A 252 21.81 1.10 48.38
C GLN A 252 20.66 0.67 49.28
N GLU A 253 19.61 1.48 49.43
CA GLU A 253 18.43 1.08 50.19
C GLU A 253 17.45 0.28 49.36
N ILE A 254 17.52 0.40 48.03
CA ILE A 254 16.59 -0.36 47.19
C ILE A 254 16.93 -1.84 47.22
N TYR A 255 18.19 -2.18 47.50
CA TYR A 255 18.59 -3.59 47.61
C TYR A 255 18.07 -4.25 48.88
N ASP A 256 17.52 -3.47 49.81
CA ASP A 256 16.82 -4.01 50.96
C ASP A 256 15.40 -4.46 50.61
N SER A 257 14.93 -4.16 49.40
CA SER A 257 13.61 -4.59 48.97
C SER A 257 13.63 -6.05 48.53
N THR A 258 12.53 -6.75 48.79
CA THR A 258 12.37 -8.12 48.34
C THR A 258 11.63 -8.23 47.02
N LEU A 259 10.79 -7.24 46.70
CA LEU A 259 10.17 -7.10 45.38
C LEU A 259 10.56 -5.74 44.82
N ILE A 260 11.16 -5.73 43.63
CA ILE A 260 11.60 -4.50 42.98
C ILE A 260 10.71 -4.26 41.76
N VAL A 261 10.12 -3.08 41.68
CA VAL A 261 9.24 -2.69 40.58
C VAL A 261 9.89 -1.50 39.87
N GLY A 262 10.35 -1.72 38.64
CA GLY A 262 11.08 -0.72 37.89
C GLY A 262 10.20 -0.06 36.84
N ALA A 263 10.26 1.27 36.80
CA ALA A 263 9.50 2.04 35.82
C ALA A 263 10.26 3.32 35.48
N THR A 264 11.53 3.18 35.13
CA THR A 264 12.35 4.26 34.61
C THR A 264 12.61 4.04 33.14
N ASN A 265 13.09 5.09 32.48
CA ASN A 265 13.52 5.01 31.10
C ASN A 265 15.04 5.09 30.97
N VAL A 266 15.75 5.13 32.09
CA VAL A 266 17.20 5.15 32.10
C VAL A 266 17.71 3.74 32.42
N ALA A 267 18.59 3.23 31.58
CA ALA A 267 18.97 1.82 31.61
C ALA A 267 20.10 1.55 32.61
N ASN A 268 20.12 0.33 33.13
CA ASN A 268 21.22 -0.20 33.93
C ASN A 268 21.47 0.60 35.20
N VAL A 269 20.41 1.22 35.75
CA VAL A 269 20.55 1.89 37.04
C VAL A 269 20.56 0.89 38.20
N LEU A 270 20.00 -0.30 38.01
CA LEU A 270 19.99 -1.34 39.03
C LEU A 270 21.05 -2.36 38.73
N ASP A 271 21.93 -2.62 39.70
CA ASP A 271 22.96 -3.64 39.53
C ASP A 271 22.35 -4.99 39.91
N ILE A 272 22.16 -5.86 38.92
CA ILE A 272 21.51 -7.14 39.16
C ILE A 272 22.35 -8.01 40.08
N MET A 273 23.67 -7.80 40.10
CA MET A 273 24.56 -8.60 40.93
C MET A 273 24.54 -8.19 42.40
N GLN A 274 23.84 -7.12 42.76
CA GLN A 274 23.78 -6.66 44.14
C GLN A 274 22.45 -6.95 44.83
N VAL A 275 21.43 -7.39 44.09
CA VAL A 275 20.17 -7.73 44.73
C VAL A 275 20.38 -8.97 45.60
N LYS A 276 19.68 -9.01 46.73
CA LYS A 276 19.85 -10.10 47.68
C LYS A 276 19.22 -11.38 47.14
N PRO A 277 19.70 -12.53 47.59
CA PRO A 277 19.05 -13.80 47.24
C PRO A 277 17.57 -13.80 47.61
N GLY A 278 16.73 -14.22 46.66
CA GLY A 278 15.30 -14.26 46.85
C GLY A 278 14.52 -13.06 46.32
N THR A 279 15.20 -12.09 45.71
CA THR A 279 14.51 -10.88 45.27
C THR A 279 13.67 -11.17 44.02
N LEU A 280 12.44 -10.63 44.02
CA LEU A 280 11.59 -10.65 42.83
C LEU A 280 11.72 -9.31 42.11
N ILE A 281 11.75 -9.34 40.77
CA ILE A 281 11.96 -8.14 39.97
C ILE A 281 10.92 -8.08 38.85
N VAL A 282 10.08 -7.06 38.86
CA VAL A 282 9.15 -6.78 37.77
C VAL A 282 9.56 -5.45 37.15
N ASP A 283 9.83 -5.46 35.84
CA ASP A 283 10.39 -4.28 35.18
C ASP A 283 9.71 -4.09 33.83
N ASP A 284 8.87 -3.05 33.74
CA ASP A 284 8.37 -2.58 32.45
C ASP A 284 9.30 -1.48 31.98
N SER A 285 10.26 -1.86 31.15
CA SER A 285 11.20 -0.90 30.56
C SER A 285 11.79 -1.52 29.31
N GLY A 286 12.00 -0.68 28.30
CA GLY A 286 12.70 -1.08 27.11
C GLY A 286 13.57 0.06 26.63
N PRO A 287 14.87 0.01 26.95
CA PRO A 287 15.61 -1.09 27.57
C PRO A 287 15.37 -1.22 29.07
N HIS A 288 15.71 -2.37 29.64
CA HIS A 288 15.46 -2.64 31.04
C HIS A 288 16.42 -1.86 31.92
N CYS A 289 16.01 -1.66 33.18
CA CYS A 289 16.82 -0.92 34.14
C CYS A 289 17.94 -1.76 34.76
N PHE A 290 18.23 -2.92 34.18
CA PHE A 290 19.31 -3.78 34.66
C PHE A 290 19.88 -4.51 33.45
N SER A 291 21.06 -5.10 33.64
CA SER A 291 21.66 -5.92 32.59
C SER A 291 20.89 -7.23 32.46
N VAL A 292 20.24 -7.44 31.32
CA VAL A 292 19.49 -8.67 31.12
C VAL A 292 20.42 -9.86 31.02
N GLU A 293 21.58 -9.67 30.39
CA GLU A 293 22.52 -10.78 30.22
C GLU A 293 23.09 -11.24 31.55
N GLN A 294 23.46 -10.29 32.42
CA GLN A 294 23.93 -10.68 33.76
C GLN A 294 22.82 -11.32 34.57
N ALA A 295 21.57 -10.90 34.37
CA ALA A 295 20.46 -11.49 35.09
C ALA A 295 20.20 -12.92 34.64
N ILE A 296 20.27 -13.17 33.33
CA ILE A 296 20.13 -14.54 32.83
C ILE A 296 21.29 -15.38 33.32
N LYS A 297 22.50 -14.80 33.33
CA LYS A 297 23.67 -15.52 33.83
C LYS A 297 23.51 -15.89 35.30
N ARG A 298 23.11 -14.92 36.13
CA ARG A 298 22.91 -15.20 37.55
C ARG A 298 21.79 -16.20 37.77
N PHE A 299 20.71 -16.10 37.00
CA PHE A 299 19.59 -17.01 37.20
C PHE A 299 19.95 -18.43 36.80
N GLN A 300 20.71 -18.59 35.71
CA GLN A 300 21.08 -19.93 35.28
C GLN A 300 22.05 -20.59 36.25
N GLU A 301 22.99 -19.81 36.78
CA GLU A 301 24.02 -20.36 37.66
C GLU A 301 23.51 -20.64 39.06
N ARG A 302 22.58 -19.82 39.57
CA ARG A 302 22.19 -19.92 40.97
C ARG A 302 20.69 -20.06 41.20
N GLU A 303 19.84 -19.83 40.20
CA GLU A 303 18.39 -19.84 40.38
C GLU A 303 18.01 -18.99 41.60
N ASP A 304 18.58 -17.79 41.61
CA ASP A 304 18.71 -16.89 42.74
C ASP A 304 17.61 -15.83 42.79
N ILE A 305 17.02 -15.49 41.65
CA ILE A 305 16.08 -14.39 41.55
C ILE A 305 14.94 -14.82 40.63
N LEU A 306 13.83 -14.10 40.74
CA LEU A 306 12.80 -14.13 39.71
C LEU A 306 12.70 -12.75 39.09
N PHE A 307 12.72 -12.68 37.77
CA PHE A 307 12.70 -11.41 37.05
C PHE A 307 11.88 -11.57 35.79
N SER A 308 11.14 -10.53 35.43
CA SER A 308 10.22 -10.64 34.31
C SER A 308 9.91 -9.28 33.72
N GLU A 309 9.51 -9.29 32.45
CA GLU A 309 8.82 -8.15 31.85
C GLU A 309 7.56 -7.85 32.65
N GLY A 310 7.21 -6.57 32.72
CA GLY A 310 6.02 -6.18 33.44
C GLY A 310 4.85 -5.79 32.56
N GLY A 311 5.15 -5.38 31.32
CA GLY A 311 4.11 -4.85 30.44
C GLY A 311 3.48 -5.82 29.48
N MET A 312 3.80 -7.11 29.58
CA MET A 312 3.26 -8.11 28.66
C MET A 312 2.01 -8.75 29.26
N LEU A 313 1.00 -8.94 28.42
CA LEU A 313 -0.22 -9.63 28.79
C LEU A 313 -0.26 -11.03 28.18
N ARG A 314 -1.03 -11.90 28.82
CA ARG A 314 -1.29 -13.25 28.29
C ARG A 314 -2.78 -13.40 28.04
N SER A 315 -3.13 -13.62 26.78
CA SER A 315 -4.51 -13.84 26.36
C SER A 315 -4.94 -15.25 26.73
N PRO A 316 -6.19 -15.44 27.19
CA PRO A 316 -6.69 -16.80 27.42
C PRO A 316 -6.81 -17.60 26.14
N PHE A 317 -6.89 -16.95 24.98
CA PHE A 317 -6.92 -17.62 23.70
C PHE A 317 -5.74 -17.19 22.85
N PRO A 318 -5.19 -18.08 22.02
CA PRO A 318 -4.01 -17.72 21.24
C PRO A 318 -4.33 -16.65 20.20
N ILE A 319 -3.29 -15.95 19.77
CA ILE A 319 -3.39 -14.84 18.84
C ILE A 319 -2.65 -15.21 17.57
N LYS A 320 -3.30 -15.03 16.42
CA LYS A 320 -2.64 -15.21 15.14
C LYS A 320 -1.94 -13.92 14.76
N THR A 321 -0.63 -13.99 14.56
CA THR A 321 0.17 -12.86 14.15
C THR A 321 0.57 -13.03 12.69
N THR A 322 0.27 -12.02 11.89
CA THR A 322 0.74 -11.96 10.52
C THR A 322 1.93 -11.00 10.48
N VAL A 323 3.01 -11.42 9.83
CA VAL A 323 4.27 -10.69 9.86
C VAL A 323 4.71 -10.41 8.43
N HIS A 324 4.96 -9.15 8.13
CA HIS A 324 5.56 -8.74 6.87
C HIS A 324 6.86 -8.02 7.20
N LEU A 325 7.98 -8.65 6.86
CA LEU A 325 9.28 -8.02 7.04
C LEU A 325 9.55 -7.07 5.89
N LEU A 326 10.29 -6.01 6.17
CA LEU A 326 10.71 -5.09 5.14
C LEU A 326 11.60 -5.83 4.15
N PRO A 327 11.25 -5.88 2.86
CA PRO A 327 11.99 -6.75 1.93
C PRO A 327 13.48 -6.49 1.88
N SER A 328 13.90 -5.23 1.75
CA SER A 328 15.32 -4.92 1.69
C SER A 328 16.04 -5.30 2.98
N VAL A 329 15.33 -5.32 4.11
CA VAL A 329 15.91 -5.76 5.37
C VAL A 329 15.82 -7.28 5.54
N GLU A 330 14.84 -7.91 4.92
CA GLU A 330 14.68 -9.35 5.07
C GLU A 330 15.87 -10.10 4.46
N LYS A 331 16.41 -9.58 3.36
CA LYS A 331 17.57 -10.22 2.73
C LYS A 331 18.77 -10.24 3.67
N ILE A 332 19.09 -9.09 4.27
CA ILE A 332 20.27 -8.99 5.12
C ILE A 332 20.09 -9.79 6.41
N MET A 333 18.86 -10.16 6.75
CA MET A 333 18.60 -10.95 7.95
C MET A 333 19.00 -12.41 7.74
N ASN A 334 19.19 -13.11 8.86
CA ASN A 334 19.60 -14.51 8.86
C ASN A 334 18.45 -15.38 9.36
N ASN A 335 18.68 -16.70 9.36
CA ASN A 335 17.64 -17.64 9.78
C ASN A 335 17.40 -17.54 11.29
N ALA A 336 18.43 -17.25 12.07
CA ALA A 336 18.28 -17.21 13.52
C ALA A 336 17.39 -16.05 13.96
N GLN A 337 17.47 -14.92 13.24
CA GLN A 337 16.62 -13.78 13.58
C GLN A 337 15.16 -14.08 13.25
N LYS A 338 14.90 -14.82 12.17
CA LYS A 338 13.53 -15.15 11.80
C LYS A 338 12.91 -16.13 12.78
N GLU A 339 13.71 -17.06 13.32
CA GLU A 339 13.18 -18.01 14.28
C GLU A 339 12.58 -17.33 15.50
N ALA A 340 13.08 -16.13 15.85
CA ALA A 340 12.53 -15.39 16.97
C ALA A 340 11.04 -15.12 16.77
N VAL A 341 10.63 -14.91 15.52
CA VAL A 341 9.21 -14.64 15.24
C VAL A 341 8.40 -15.92 15.35
N PHE A 342 8.88 -17.01 14.74
CA PHE A 342 8.13 -18.27 14.75
C PHE A 342 8.00 -18.84 16.15
N ASN A 343 8.92 -18.52 17.05
CA ASN A 343 8.95 -19.09 18.39
C ASN A 343 8.33 -18.17 19.44
N SER A 344 7.61 -17.15 19.01
CA SER A 344 6.95 -16.24 19.95
C SER A 344 5.71 -16.90 20.54
N ASN A 345 5.47 -16.65 21.81
CA ASN A 345 4.32 -17.19 22.52
C ASN A 345 3.03 -16.60 21.94
N PRO A 346 2.23 -17.37 21.21
CA PRO A 346 1.04 -16.80 20.56
C PRO A 346 -0.05 -16.36 21.53
N PHE A 347 0.12 -16.59 22.83
CA PHE A 347 -0.82 -16.08 23.82
C PHE A 347 -0.46 -14.68 24.31
N ASN A 348 0.76 -14.21 24.04
CA ASN A 348 1.24 -12.96 24.61
C ASN A 348 0.91 -11.78 23.71
N ILE A 349 0.57 -10.66 24.32
CA ILE A 349 0.44 -9.38 23.63
C ILE A 349 0.78 -8.27 24.62
N MET A 350 1.54 -7.29 24.14
CA MET A 350 1.93 -6.17 25.00
C MET A 350 0.69 -5.39 25.44
N GLY A 351 0.67 -5.02 26.73
CA GLY A 351 -0.44 -4.23 27.24
C GLY A 351 -0.62 -2.91 26.50
N CYS A 352 0.49 -2.27 26.13
CA CYS A 352 0.40 -0.99 25.44
C CYS A 352 -0.36 -1.12 24.13
N ALA A 353 0.11 -1.99 23.23
CA ALA A 353 -0.57 -2.18 21.96
C ALA A 353 -2.01 -2.63 22.15
N PHE A 354 -2.24 -3.55 23.09
CA PHE A 354 -3.59 -4.08 23.31
C PHE A 354 -4.54 -3.01 23.81
N SER A 355 -4.01 -1.96 24.47
CA SER A 355 -4.86 -0.91 24.99
C SER A 355 -5.68 -0.24 23.89
N ALA A 356 -5.09 -0.08 22.70
CA ALA A 356 -5.82 0.55 21.61
C ALA A 356 -7.00 -0.31 21.17
N LEU A 357 -6.82 -1.63 21.14
CA LEU A 357 -7.93 -2.52 20.86
C LEU A 357 -8.99 -2.47 21.95
N LEU A 358 -8.57 -2.30 23.21
CA LEU A 358 -9.54 -2.20 24.30
C LEU A 358 -10.42 -0.97 24.16
N SER A 359 -9.82 0.16 23.75
CA SER A 359 -10.61 1.39 23.60
C SER A 359 -11.63 1.26 22.48
N SER A 360 -11.34 0.46 21.45
CA SER A 360 -12.25 0.29 20.34
C SER A 360 -13.36 -0.72 20.62
N GLN A 361 -13.29 -1.44 21.74
CA GLN A 361 -14.33 -2.38 22.11
C GLN A 361 -15.13 -1.96 23.34
N PHE A 362 -14.54 -1.14 24.22
CA PHE A 362 -15.19 -0.71 25.46
C PHE A 362 -15.08 0.81 25.55
N GLU A 363 -16.22 1.49 25.44
CA GLU A 363 -16.22 2.96 25.44
C GLU A 363 -15.89 3.54 26.81
N GLN A 364 -16.03 2.75 27.88
CA GLN A 364 -15.67 3.25 29.20
C GLN A 364 -14.17 3.33 29.42
N LEU A 365 -13.38 2.63 28.61
CA LEU A 365 -11.92 2.73 28.66
C LEU A 365 -11.50 3.85 27.71
N GLU A 366 -11.42 5.06 28.25
CA GLU A 366 -11.12 6.22 27.45
C GLU A 366 -9.62 6.28 27.13
N PRO A 367 -9.25 6.83 25.97
CA PRO A 367 -7.84 7.01 25.65
C PRO A 367 -7.17 7.97 26.63
N THR A 368 -5.87 7.78 26.81
CA THR A 368 -5.09 8.59 27.74
C THR A 368 -4.04 9.41 26.99
N VAL A 369 -4.04 10.72 27.24
CA VAL A 369 -2.94 11.59 26.85
C VAL A 369 -2.46 12.32 28.10
N GLY A 370 -1.15 12.51 28.21
CA GLY A 370 -0.58 13.03 29.42
C GLY A 370 -0.65 12.03 30.57
N ILE A 371 -0.08 12.42 31.70
CA ILE A 371 -0.10 11.55 32.86
C ILE A 371 -1.20 11.99 33.80
N CYS A 372 -2.22 11.16 33.97
CA CYS A 372 -3.33 11.52 34.84
C CYS A 372 -4.26 10.39 35.23
N ASP A 373 -4.86 10.53 36.40
CA ASP A 373 -5.87 9.56 36.85
C ASP A 373 -5.42 8.12 36.95
N GLY A 374 -4.40 7.89 37.74
CA GLY A 374 -3.91 6.54 37.94
C GLY A 374 -5.02 5.61 38.33
N GLU A 375 -5.97 6.09 39.09
CA GLU A 375 -7.01 5.20 39.60
C GLU A 375 -7.81 4.56 38.46
N GLN A 376 -7.97 5.27 37.34
CA GLN A 376 -8.76 4.75 36.23
C GLN A 376 -8.23 3.43 35.68
N SER A 377 -6.95 3.11 35.94
CA SER A 377 -6.40 1.82 35.52
C SER A 377 -7.13 0.66 36.18
N GLU A 378 -7.87 0.91 37.27
CA GLU A 378 -8.65 -0.15 37.90
C GLU A 378 -9.66 -0.74 36.94
N LEU A 379 -10.31 0.10 36.14
CA LEU A 379 -11.27 -0.38 35.14
C LEU A 379 -10.58 -1.27 34.11
N HIS A 380 -9.37 -0.90 33.70
CA HIS A 380 -8.61 -1.78 32.81
C HIS A 380 -8.33 -3.12 33.49
N TYR A 381 -7.90 -3.07 34.75
CA TYR A 381 -7.58 -4.29 35.48
C TYR A 381 -8.80 -5.20 35.60
N GLN A 382 -9.96 -4.62 35.89
CA GLN A 382 -11.16 -5.42 36.11
C GLN A 382 -11.63 -6.07 34.80
N ILE A 383 -11.62 -5.31 33.70
CA ILE A 383 -12.06 -5.85 32.42
C ILE A 383 -11.12 -6.95 31.94
N LEU A 384 -9.81 -6.78 32.18
CA LEU A 384 -8.86 -7.84 31.82
C LEU A 384 -9.09 -9.10 32.64
N GLN A 385 -9.53 -8.96 33.89
CA GLN A 385 -9.86 -10.14 34.67
C GLN A 385 -11.17 -10.76 34.20
N GLU A 386 -12.17 -9.94 33.89
CA GLU A 386 -13.42 -10.47 33.34
C GLU A 386 -13.18 -11.26 32.06
N LEU A 387 -12.23 -10.82 31.24
CA LEU A 387 -11.87 -11.55 30.02
C LEU A 387 -10.87 -12.66 30.28
N GLU A 388 -10.50 -12.90 31.54
CA GLU A 388 -9.60 -13.99 31.91
C GLU A 388 -8.20 -13.79 31.33
N PHE A 389 -7.75 -12.53 31.31
CA PHE A 389 -6.37 -12.21 31.01
C PHE A 389 -5.52 -12.32 32.27
N GLU A 390 -4.26 -12.66 32.08
CA GLU A 390 -3.26 -12.56 33.15
C GLU A 390 -1.98 -11.99 32.55
N ALA A 391 -0.97 -11.85 33.40
CA ALA A 391 0.33 -11.40 32.92
C ALA A 391 1.03 -12.51 32.15
N GLY A 392 1.93 -12.11 31.25
CA GLY A 392 2.74 -13.08 30.55
C GLY A 392 3.56 -13.92 31.52
N ASP A 393 3.74 -15.20 31.17
CA ASP A 393 4.62 -16.05 31.96
C ASP A 393 5.99 -15.39 32.10
N LEU A 394 6.66 -15.69 33.21
CA LEU A 394 7.91 -15.00 33.55
C LEU A 394 8.94 -15.18 32.44
N HIS A 395 9.40 -14.06 31.91
CA HIS A 395 10.33 -14.05 30.79
C HIS A 395 10.94 -12.66 30.69
N CYS A 396 12.08 -12.58 30.02
CA CYS A 396 12.75 -11.31 29.82
C CYS A 396 13.36 -11.29 28.42
N GLU A 397 12.77 -10.48 27.54
CA GLU A 397 13.17 -10.40 26.13
C GLU A 397 13.11 -11.76 25.47
N HIS A 398 14.26 -12.31 25.08
CA HIS A 398 14.33 -13.61 24.42
C HIS A 398 14.25 -14.77 25.39
N TYR A 399 14.48 -14.56 26.68
CA TYR A 399 14.68 -15.65 27.64
C TYR A 399 13.41 -15.93 28.42
N VAL A 400 12.96 -17.18 28.37
CA VAL A 400 11.84 -17.66 29.20
C VAL A 400 12.43 -18.40 30.39
N LEU A 401 11.96 -18.05 31.59
CA LEU A 401 12.41 -18.72 32.81
C LEU A 401 11.83 -20.12 32.89
N PRO A 402 12.64 -21.17 32.85
CA PRO A 402 12.08 -22.54 32.83
C PRO A 402 11.32 -22.85 34.10
N ALA A 403 10.27 -23.67 33.94
CA ALA A 403 9.41 -23.98 35.08
C ALA A 403 10.17 -24.68 36.21
N LYS A 404 11.17 -25.49 35.87
CA LYS A 404 11.89 -26.22 36.91
C LYS A 404 12.81 -25.29 37.70
N SER A 405 13.44 -24.33 37.01
CA SER A 405 14.22 -23.32 37.72
C SER A 405 13.34 -22.49 38.63
N ILE A 406 12.14 -22.13 38.16
CA ILE A 406 11.21 -21.39 39.01
C ILE A 406 10.81 -22.25 40.20
N ALA A 407 10.62 -23.55 39.99
CA ALA A 407 10.31 -24.44 41.10
C ALA A 407 11.45 -24.47 42.11
N ASN A 408 12.69 -24.62 41.63
CA ASN A 408 13.85 -24.61 42.51
C ASN A 408 13.91 -23.32 43.33
N PHE A 409 13.69 -22.17 42.68
CA PHE A 409 13.58 -20.91 43.42
C PHE A 409 12.46 -20.98 44.45
N ARG A 410 11.29 -21.46 44.04
CA ARG A 410 10.14 -21.50 44.95
C ARG A 410 10.42 -22.40 46.16
N GLN A 411 11.16 -23.50 45.95
CA GLN A 411 11.45 -24.42 47.04
C GLN A 411 12.48 -23.86 48.01
N ARG A 412 13.28 -22.88 47.59
CA ARG A 412 14.36 -22.35 48.42
C ARG A 412 14.16 -20.93 48.91
N PHE A 413 13.26 -20.16 48.29
CA PHE A 413 13.06 -18.78 48.70
C PHE A 413 11.59 -18.44 48.89
N GLY A 414 10.73 -19.45 49.02
CA GLY A 414 9.33 -19.23 49.30
C GLY A 414 9.14 -18.58 50.65
N LYS A 415 7.89 -18.33 51.00
CA LYS A 415 7.59 -17.79 52.30
C LYS A 415 7.99 -18.79 53.37
N ASP A 416 8.33 -18.27 54.55
CA ASP A 416 8.85 -19.04 55.68
C ASP A 416 10.26 -19.56 55.40
N LEU A 417 10.79 -19.24 54.22
CA LEU A 417 12.13 -19.68 53.85
C LEU A 417 13.08 -18.55 53.53
N LEU A 418 12.59 -17.37 53.19
CA LEU A 418 13.46 -16.24 52.89
C LEU A 418 14.26 -15.82 54.12
N GLU A 419 13.63 -15.86 55.29
CA GLU A 419 14.27 -15.43 56.53
C GLU A 419 15.45 -16.32 56.92
N HIS A 420 15.60 -17.50 56.32
CA HIS A 420 16.67 -18.43 56.69
C HIS A 420 17.80 -18.46 55.68
N HIS A 421 18.10 -17.32 55.05
CA HIS A 421 19.27 -17.16 54.20
C HIS A 421 20.17 -16.09 54.80
N HIS A 422 21.46 -16.17 54.46
CA HIS A 422 22.47 -15.39 55.17
C HIS A 422 22.17 -13.89 55.11
N HIS A 423 21.86 -13.37 53.93
CA HIS A 423 21.62 -11.95 53.76
C HIS A 423 20.25 -11.50 54.29
N HIS A 424 19.53 -12.36 54.99
CA HIS A 424 18.28 -12.00 55.66
C HIS A 424 18.34 -12.29 57.16
N HIS A 425 19.54 -12.48 57.70
CA HIS A 425 19.74 -12.72 59.13
C HIS A 425 19.70 -11.40 59.91
N LYS B 19 14.91 16.20 -21.05
CA LYS B 19 15.31 17.01 -19.89
C LYS B 19 14.39 16.79 -18.71
N ASN B 20 13.95 17.88 -18.08
CA ASN B 20 13.10 17.81 -16.89
C ASN B 20 12.05 18.91 -16.97
N SER B 21 10.79 18.53 -17.14
CA SER B 21 9.67 19.45 -17.16
C SER B 21 8.85 19.31 -15.89
N GLU B 22 8.11 20.36 -15.57
CA GLU B 22 7.19 20.30 -14.43
C GLU B 22 5.94 19.48 -14.75
N TYR B 23 5.78 19.01 -15.99
CA TYR B 23 4.63 18.23 -16.39
C TYR B 23 4.90 16.73 -16.45
N VAL B 24 6.15 16.32 -16.26
CA VAL B 24 6.53 14.91 -16.15
C VAL B 24 7.46 14.82 -14.96
N GLN B 25 6.99 14.20 -13.88
CA GLN B 25 7.75 14.11 -12.64
C GLN B 25 7.89 12.65 -12.24
N PHE B 26 9.11 12.23 -11.96
CA PHE B 26 9.38 10.88 -11.52
C PHE B 26 9.36 10.81 -10.00
N GLU B 27 8.65 9.82 -9.46
CA GLU B 27 8.53 9.63 -8.01
C GLU B 27 9.06 8.24 -7.67
N SER B 28 10.09 8.19 -6.83
CA SER B 28 10.69 6.91 -6.48
C SER B 28 9.91 6.14 -5.43
N ARG B 29 9.06 6.81 -4.65
CA ARG B 29 8.32 6.16 -3.59
C ARG B 29 6.96 5.71 -4.07
N SER B 30 6.40 4.71 -3.38
CA SER B 30 5.12 4.13 -3.75
C SER B 30 4.03 5.19 -3.74
N LEU B 31 3.33 5.32 -4.88
CA LEU B 31 2.18 6.22 -4.94
C LEU B 31 1.11 5.79 -3.94
N LEU B 32 0.91 4.49 -3.77
CA LEU B 32 -0.07 4.00 -2.82
C LEU B 32 0.26 4.45 -1.40
N SER B 33 1.51 4.28 -0.98
CA SER B 33 1.91 4.72 0.36
C SER B 33 1.72 6.22 0.51
N LEU B 34 2.21 7.00 -0.46
CA LEU B 34 2.07 8.45 -0.40
C LEU B 34 0.62 8.86 -0.27
N PHE B 35 -0.29 8.17 -0.98
CA PHE B 35 -1.71 8.46 -0.83
C PHE B 35 -2.19 8.18 0.60
N THR B 36 -1.79 7.04 1.19
CA THR B 36 -2.34 6.70 2.50
C THR B 36 -1.85 7.63 3.61
N VAL B 37 -0.70 8.28 3.44
CA VAL B 37 -0.24 9.23 4.44
C VAL B 37 -0.72 10.63 4.08
N GLY B 38 -1.58 10.73 3.07
CA GLY B 38 -2.19 12.01 2.72
C GLY B 38 -1.32 12.95 1.91
N LYS B 39 -0.24 12.47 1.30
CA LYS B 39 0.60 13.32 0.47
C LYS B 39 0.16 13.38 -0.98
N ILE B 40 -0.80 12.54 -1.39
CA ILE B 40 -1.31 12.53 -2.75
C ILE B 40 -2.82 12.60 -2.69
N PRO B 41 -3.46 13.60 -3.31
CA PRO B 41 -4.92 13.70 -3.27
C PRO B 41 -5.57 12.52 -3.96
N PRO B 42 -6.83 12.21 -3.64
CA PRO B 42 -7.52 11.14 -4.35
C PRO B 42 -7.70 11.48 -5.83
N VAL B 43 -7.95 10.45 -6.62
CA VAL B 43 -8.21 10.62 -8.03
C VAL B 43 -9.71 10.55 -8.26
N ASP B 44 -10.15 10.95 -9.45
CA ASP B 44 -11.56 10.89 -9.81
C ASP B 44 -11.90 9.68 -10.66
N ALA B 45 -10.91 9.04 -11.25
CA ALA B 45 -11.11 7.91 -12.16
C ALA B 45 -9.79 7.17 -12.30
N ALA B 46 -9.82 6.07 -13.05
CA ALA B 46 -8.62 5.27 -13.21
C ALA B 46 -8.68 4.55 -14.56
N ALA B 47 -7.54 4.00 -14.96
CA ALA B 47 -7.42 3.25 -16.20
C ALA B 47 -6.51 2.04 -15.95
N LEU B 48 -6.95 0.88 -16.43
CA LEU B 48 -6.20 -0.37 -16.23
C LEU B 48 -5.42 -0.71 -17.49
N CYS B 49 -4.15 -1.05 -17.32
CA CYS B 49 -3.27 -1.45 -18.40
C CYS B 49 -2.56 -2.74 -18.01
N TYR B 50 -1.73 -3.23 -18.94
CA TYR B 50 -0.98 -4.46 -18.77
C TYR B 50 0.43 -4.26 -19.29
N TRP B 51 1.29 -5.27 -19.09
CA TRP B 51 2.72 -5.14 -19.34
C TRP B 51 3.14 -5.52 -20.75
N GLY B 52 2.28 -5.27 -21.75
CA GLY B 52 2.68 -5.62 -23.11
C GLY B 52 2.87 -7.12 -23.27
N GLU B 53 3.91 -7.51 -24.01
CA GLU B 53 4.23 -8.91 -24.20
C GLU B 53 5.62 -9.21 -23.64
N TYR B 54 5.74 -10.38 -23.00
CA TYR B 54 6.99 -10.78 -22.38
C TYR B 54 8.10 -10.89 -23.42
N ASP B 55 9.23 -10.26 -23.13
CA ASP B 55 10.39 -10.27 -24.03
C ASP B 55 11.58 -10.87 -23.29
N PRO B 56 12.03 -12.06 -23.65
CA PRO B 56 13.21 -12.63 -22.98
C PRO B 56 14.47 -11.83 -23.19
N GLU B 57 14.52 -10.99 -24.22
CA GLU B 57 15.68 -10.15 -24.47
C GLU B 57 15.69 -8.87 -23.66
N MET B 58 14.62 -8.58 -22.91
CA MET B 58 14.60 -7.44 -22.01
C MET B 58 14.80 -7.83 -20.55
N PHE B 59 14.21 -8.94 -20.12
CA PHE B 59 14.33 -9.41 -18.75
C PHE B 59 15.13 -10.70 -18.72
N ASP B 60 15.94 -10.88 -17.68
CA ASP B 60 16.58 -12.15 -17.42
C ASP B 60 15.66 -13.11 -16.66
N TRP B 61 14.57 -12.62 -16.10
CA TRP B 61 13.65 -13.46 -15.35
C TRP B 61 12.74 -14.23 -16.30
N SER B 62 12.32 -15.42 -15.84
CA SER B 62 11.33 -16.17 -16.61
C SER B 62 9.96 -15.52 -16.47
N ARG B 63 9.08 -15.83 -17.43
CA ARG B 63 7.78 -15.19 -17.49
C ARG B 63 6.98 -15.41 -16.21
N ASP B 64 6.95 -16.65 -15.72
CA ASP B 64 6.19 -16.94 -14.51
C ASP B 64 6.86 -16.35 -13.27
N TYR B 65 8.18 -16.23 -13.27
CA TYR B 65 8.86 -15.62 -12.13
C TYR B 65 8.54 -14.13 -12.02
N MET B 66 8.44 -13.44 -13.15
CA MET B 66 8.06 -12.03 -13.13
C MET B 66 6.66 -11.85 -12.56
N ILE B 67 5.71 -12.69 -12.99
CA ILE B 67 4.35 -12.57 -12.48
C ILE B 67 4.31 -12.87 -10.99
N GLU B 68 5.07 -13.86 -10.54
CA GLU B 68 4.99 -14.30 -9.15
C GLU B 68 5.81 -13.43 -8.21
N ASN B 69 7.00 -13.01 -8.64
CA ASN B 69 7.91 -12.35 -7.72
C ASN B 69 8.26 -10.90 -8.08
N ILE B 70 8.07 -10.49 -9.32
CA ILE B 70 8.27 -9.08 -9.67
C ILE B 70 6.97 -8.31 -9.59
N PHE B 71 5.91 -8.82 -10.22
CA PHE B 71 4.59 -8.23 -10.09
C PHE B 71 3.89 -8.66 -8.82
N GLU B 72 4.26 -9.82 -8.26
CA GLU B 72 3.67 -10.35 -7.03
C GLU B 72 2.16 -10.49 -7.12
N ASN B 73 1.65 -10.69 -8.34
CA ASN B 73 0.21 -10.92 -8.57
C ASN B 73 -0.65 -9.81 -7.98
N LEU B 74 -0.12 -8.59 -7.95
CA LEU B 74 -0.80 -7.45 -7.37
C LEU B 74 -0.91 -6.33 -8.40
N PRO B 75 -1.99 -5.55 -8.38
CA PRO B 75 -2.05 -4.35 -9.22
C PRO B 75 -1.03 -3.33 -8.75
N PHE B 76 -0.54 -2.52 -9.71
CA PHE B 76 0.53 -1.58 -9.45
C PHE B 76 0.12 -0.19 -9.93
N TRP B 77 -0.14 0.72 -8.98
CA TRP B 77 -0.45 2.11 -9.30
C TRP B 77 0.83 2.81 -9.74
N THR B 78 0.92 3.16 -11.02
CA THR B 78 2.17 3.62 -11.60
C THR B 78 2.15 5.05 -12.14
N MET B 79 0.99 5.62 -12.43
CA MET B 79 0.95 6.99 -12.92
C MET B 79 -0.27 7.73 -12.39
N ILE B 80 -0.11 9.04 -12.25
CA ILE B 80 -1.21 9.97 -12.03
C ILE B 80 -1.17 10.99 -13.16
N LYS B 81 -2.31 11.24 -13.79
CA LYS B 81 -2.43 12.26 -14.80
C LYS B 81 -3.39 13.33 -14.27
N GLN B 82 -2.85 14.51 -14.01
CA GLN B 82 -3.62 15.65 -13.51
C GLN B 82 -4.02 16.51 -14.71
N THR B 83 -5.30 16.49 -15.05
CA THR B 83 -5.86 17.28 -16.14
C THR B 83 -6.82 18.32 -15.57
N ASN B 84 -7.16 19.30 -16.41
CA ASN B 84 -8.08 20.37 -16.03
C ASN B 84 -9.48 19.87 -15.74
N TRP B 85 -9.78 18.59 -15.97
CA TRP B 85 -11.11 18.04 -15.73
C TRP B 85 -11.08 16.85 -14.77
N GLY B 86 -10.03 16.71 -13.96
CA GLY B 86 -9.96 15.67 -12.97
C GLY B 86 -8.62 14.96 -12.98
N ARG B 87 -8.50 13.99 -12.07
CA ARG B 87 -7.29 13.21 -11.90
C ARG B 87 -7.54 11.76 -12.27
N ILE B 88 -6.58 11.15 -12.96
CA ILE B 88 -6.69 9.76 -13.40
C ILE B 88 -5.48 8.99 -12.89
N ALA B 89 -5.74 7.81 -12.31
CA ALA B 89 -4.69 6.89 -11.90
C ALA B 89 -4.51 5.82 -12.97
N ILE B 90 -3.25 5.53 -13.31
CA ILE B 90 -2.93 4.43 -14.22
C ILE B 90 -2.47 3.24 -13.37
N ILE B 91 -3.14 2.10 -13.53
CA ILE B 91 -2.89 0.91 -12.73
C ILE B 91 -2.59 -0.26 -13.66
N ALA B 92 -1.40 -0.86 -13.50
CA ALA B 92 -0.97 -2.00 -14.30
C ALA B 92 -1.42 -3.32 -13.66
N LEU B 93 -2.14 -4.13 -14.43
CA LEU B 93 -2.44 -5.49 -14.00
C LEU B 93 -1.17 -6.34 -14.01
N PRO B 94 -1.03 -7.28 -13.07
CA PRO B 94 0.18 -8.12 -13.00
C PRO B 94 0.19 -9.23 -14.05
N ARG B 95 -0.04 -8.85 -15.31
CA ARG B 95 -0.24 -9.83 -16.37
C ARG B 95 0.29 -9.27 -17.69
N PHE B 96 0.77 -10.18 -18.53
CA PHE B 96 1.01 -9.85 -19.93
C PHE B 96 -0.27 -10.07 -20.74
N VAL B 97 -0.26 -9.58 -21.98
CA VAL B 97 -1.49 -9.57 -22.77
C VAL B 97 -1.96 -11.00 -23.06
N SER B 98 -1.03 -11.90 -23.38
CA SER B 98 -1.43 -13.27 -23.71
C SER B 98 -1.99 -14.04 -22.51
N ASP B 99 -1.63 -13.63 -21.30
CA ASP B 99 -2.24 -14.24 -20.11
C ASP B 99 -3.72 -13.90 -20.01
N LEU B 100 -4.11 -12.70 -20.45
CA LEU B 100 -5.51 -12.31 -20.40
C LEU B 100 -6.36 -13.18 -21.32
N TYR B 101 -5.84 -13.52 -22.50
CA TYR B 101 -6.59 -14.36 -23.42
C TYR B 101 -6.61 -15.83 -22.96
N SER B 102 -5.47 -16.33 -22.44
CA SER B 102 -5.35 -17.75 -22.16
C SER B 102 -6.07 -18.18 -20.89
N ASN B 103 -6.47 -17.24 -20.03
CA ASN B 103 -7.19 -17.60 -18.80
C ASN B 103 -8.09 -16.42 -18.44
N GLN B 104 -9.32 -16.44 -18.97
CA GLN B 104 -10.22 -15.32 -18.76
C GLN B 104 -10.66 -15.21 -17.30
N ASP B 105 -10.84 -16.35 -16.62
CA ASP B 105 -11.27 -16.32 -15.22
C ASP B 105 -10.23 -15.62 -14.35
N ASP B 106 -8.96 -15.97 -14.52
CA ASP B 106 -7.89 -15.32 -13.78
C ASP B 106 -7.78 -13.83 -14.13
N ALA B 107 -8.04 -13.49 -15.39
CA ALA B 107 -7.97 -12.09 -15.80
C ALA B 107 -9.05 -11.26 -15.11
N VAL B 108 -10.25 -11.83 -14.96
CA VAL B 108 -11.32 -11.12 -14.28
C VAL B 108 -10.97 -10.92 -12.80
N GLN B 109 -10.32 -11.91 -12.19
CA GLN B 109 -10.01 -11.83 -10.77
C GLN B 109 -9.01 -10.72 -10.46
N VAL B 110 -7.94 -10.62 -11.26
CA VAL B 110 -6.98 -9.55 -11.02
C VAL B 110 -7.61 -8.19 -11.31
N ILE B 111 -8.52 -8.11 -12.28
CA ILE B 111 -9.17 -6.84 -12.58
C ILE B 111 -10.03 -6.39 -11.42
N ILE B 112 -10.80 -7.31 -10.83
CA ILE B 112 -11.62 -6.96 -9.66
C ILE B 112 -10.74 -6.47 -8.52
N GLU B 113 -9.59 -7.11 -8.32
CA GLU B 113 -8.62 -6.61 -7.33
C GLU B 113 -8.17 -5.19 -7.65
N ALA B 114 -7.91 -4.91 -8.93
CA ALA B 114 -7.54 -3.55 -9.32
C ALA B 114 -8.70 -2.59 -9.11
N LEU B 115 -9.93 -3.04 -9.37
CA LEU B 115 -11.09 -2.18 -9.13
C LEU B 115 -11.22 -1.87 -7.64
N GLU B 116 -10.86 -2.81 -6.77
CA GLU B 116 -10.88 -2.54 -5.33
C GLU B 116 -9.85 -1.48 -4.96
N MET B 117 -8.62 -1.63 -5.46
CA MET B 117 -7.60 -0.63 -5.21
C MET B 117 -8.03 0.72 -5.77
N ALA B 118 -8.56 0.74 -6.99
CA ALA B 118 -8.99 2.00 -7.59
C ALA B 118 -10.06 2.67 -6.74
N GLY B 119 -10.94 1.89 -6.12
CA GLY B 119 -11.96 2.48 -5.26
C GLY B 119 -11.39 3.12 -4.01
N ILE B 120 -10.36 2.50 -3.43
CA ILE B 120 -9.74 3.06 -2.23
C ILE B 120 -9.18 4.45 -2.51
N ILE B 121 -8.59 4.64 -3.69
CA ILE B 121 -7.92 5.90 -3.98
C ILE B 121 -8.88 6.89 -4.64
N GLY B 122 -10.17 6.55 -4.67
CA GLY B 122 -11.21 7.51 -5.00
C GLY B 122 -11.80 7.43 -6.39
N ALA B 123 -11.38 6.45 -7.21
CA ALA B 123 -11.85 6.38 -8.59
C ALA B 123 -13.32 6.01 -8.65
N LYS B 124 -14.12 6.82 -9.33
CA LYS B 124 -15.52 6.53 -9.55
C LYS B 124 -15.76 5.68 -10.79
N PHE B 125 -14.89 5.81 -11.79
CA PHE B 125 -14.99 5.07 -13.04
C PHE B 125 -13.60 4.55 -13.41
N VAL B 126 -13.57 3.41 -14.08
CA VAL B 126 -12.32 2.74 -14.43
C VAL B 126 -12.40 2.30 -15.88
N SER B 127 -11.42 2.73 -16.69
CA SER B 127 -11.34 2.36 -18.10
C SER B 127 -10.55 1.06 -18.26
N LEU B 128 -10.99 0.23 -19.21
CA LEU B 128 -10.27 -0.97 -19.60
C LEU B 128 -9.53 -0.65 -20.91
N THR B 129 -8.23 -0.40 -20.80
CA THR B 129 -7.46 0.06 -21.95
C THR B 129 -6.90 -1.13 -22.74
N GLY B 130 -6.38 -0.83 -23.94
CA GLY B 130 -5.75 -1.84 -24.76
C GLY B 130 -6.72 -2.93 -25.18
N LEU B 131 -6.23 -4.17 -25.14
CA LEU B 131 -7.02 -5.34 -25.52
C LEU B 131 -7.78 -5.96 -24.35
N ILE B 132 -7.86 -5.27 -23.20
CA ILE B 132 -8.60 -5.82 -22.06
C ILE B 132 -10.07 -6.05 -22.39
N PRO B 133 -10.79 -5.14 -23.07
CA PRO B 133 -12.17 -5.47 -23.45
C PRO B 133 -12.25 -6.67 -24.39
N SER B 134 -11.36 -6.74 -25.38
CA SER B 134 -11.37 -7.84 -26.34
C SER B 134 -11.15 -9.19 -25.68
N ALA B 135 -10.64 -9.21 -24.44
CA ALA B 135 -10.37 -10.44 -23.72
C ALA B 135 -11.34 -10.72 -22.59
N THR B 136 -12.26 -9.80 -22.29
CA THR B 136 -13.18 -9.94 -21.17
C THR B 136 -14.62 -9.75 -21.61
N ASP B 137 -14.96 -10.25 -22.80
CA ASP B 137 -16.31 -10.08 -23.37
C ASP B 137 -16.72 -8.61 -23.38
N TYR B 138 -15.75 -7.75 -23.67
CA TYR B 138 -15.96 -6.30 -23.69
C TYR B 138 -16.60 -5.82 -22.40
N GLY B 139 -16.03 -6.26 -21.27
CA GLY B 139 -16.50 -5.88 -19.96
C GLY B 139 -17.51 -6.80 -19.33
N LEU B 140 -18.25 -7.59 -20.12
CA LEU B 140 -19.34 -8.39 -19.57
C LEU B 140 -18.82 -9.55 -18.71
N ALA B 141 -17.60 -10.03 -18.96
CA ALA B 141 -17.03 -11.04 -18.08
C ALA B 141 -16.74 -10.47 -16.71
N ILE B 142 -16.48 -9.16 -16.62
CA ILE B 142 -16.23 -8.54 -15.33
C ILE B 142 -17.54 -8.19 -14.63
N THR B 143 -18.50 -7.62 -15.37
CA THR B 143 -19.78 -7.24 -14.76
C THR B 143 -20.49 -8.45 -14.16
N LYS B 144 -20.28 -9.63 -14.73
CA LYS B 144 -20.87 -10.84 -14.16
C LYS B 144 -20.25 -11.17 -12.81
N ALA B 145 -18.93 -11.03 -12.69
CA ALA B 145 -18.24 -11.38 -11.45
C ALA B 145 -18.48 -10.34 -10.36
N VAL B 146 -18.51 -9.04 -10.71
CA VAL B 146 -18.86 -8.04 -9.71
C VAL B 146 -20.31 -8.20 -9.26
N ALA B 147 -21.12 -8.89 -10.06
CA ALA B 147 -22.48 -9.26 -9.71
C ALA B 147 -23.29 -8.06 -9.19
N ASN B 148 -23.71 -8.14 -7.93
CA ASN B 148 -24.49 -7.08 -7.30
C ASN B 148 -23.65 -6.15 -6.44
N ARG B 149 -22.34 -6.38 -6.33
CA ARG B 149 -21.50 -5.46 -5.58
C ARG B 149 -21.62 -4.05 -6.14
N GLU B 150 -21.91 -3.10 -5.25
CA GLU B 150 -22.00 -1.69 -5.61
C GLU B 150 -20.94 -0.86 -4.90
N ASP B 151 -20.02 -1.50 -4.19
CA ASP B 151 -18.89 -0.81 -3.54
C ASP B 151 -17.74 -0.54 -4.49
N LEU B 152 -17.77 -1.08 -5.73
CA LEU B 152 -16.67 -0.95 -6.66
C LEU B 152 -16.96 0.13 -7.71
N PRO B 153 -15.93 0.80 -8.20
CA PRO B 153 -16.13 1.75 -9.30
C PRO B 153 -16.66 1.05 -10.54
N LYS B 154 -17.39 1.80 -11.36
CA LYS B 154 -18.00 1.26 -12.56
C LYS B 154 -16.97 1.22 -13.70
N ILE B 155 -17.02 0.14 -14.48
CA ILE B 155 -16.06 -0.08 -15.56
C ILE B 155 -16.61 0.49 -16.85
N THR B 156 -15.69 0.84 -17.75
CA THR B 156 -16.08 1.27 -19.09
C THR B 156 -14.99 0.81 -20.06
N THR B 157 -15.41 0.37 -21.24
CA THR B 157 -14.44 0.09 -22.30
C THR B 157 -13.90 1.37 -22.92
N GLY B 158 -14.62 2.48 -22.78
CA GLY B 158 -14.15 3.74 -23.34
C GLY B 158 -14.05 3.77 -24.84
N HIS B 159 -14.76 2.87 -25.53
CA HIS B 159 -14.63 2.76 -26.98
C HIS B 159 -15.41 3.82 -27.74
N ARG B 160 -16.41 4.46 -27.11
CA ARG B 160 -17.07 5.59 -27.75
C ARG B 160 -16.16 6.81 -27.77
N THR B 161 -15.32 6.98 -26.76
CA THR B 161 -14.34 8.06 -26.77
C THR B 161 -13.17 7.73 -27.70
N THR B 162 -12.76 6.46 -27.73
CA THR B 162 -11.72 6.05 -28.69
C THR B 162 -12.20 6.25 -30.13
N GLY B 163 -13.45 5.93 -30.42
CA GLY B 163 -13.98 6.18 -31.74
C GLY B 163 -13.98 7.66 -32.09
N ALA B 164 -14.35 8.51 -31.12
CA ALA B 164 -14.27 9.95 -31.33
C ALA B 164 -12.85 10.39 -31.62
N ALA B 165 -11.88 9.81 -30.91
CA ALA B 165 -10.48 10.14 -31.16
C ALA B 165 -10.08 9.77 -32.59
N VAL B 166 -10.54 8.62 -33.08
CA VAL B 166 -10.17 8.17 -34.42
C VAL B 166 -10.74 9.12 -35.48
N VAL B 167 -11.97 9.59 -35.28
CA VAL B 167 -12.59 10.50 -36.24
C VAL B 167 -11.88 11.85 -36.22
N LEU B 168 -11.49 12.33 -35.04
CA LEU B 168 -10.71 13.55 -34.96
C LEU B 168 -9.37 13.41 -35.65
N THR B 169 -8.77 12.21 -35.61
CA THR B 169 -7.51 11.98 -36.29
C THR B 169 -7.72 11.94 -37.81
N ILE B 170 -8.78 11.29 -38.26
CA ILE B 170 -9.13 11.31 -39.68
C ILE B 170 -9.28 12.75 -40.16
N LYS B 171 -10.00 13.56 -39.40
CA LYS B 171 -10.13 14.97 -39.72
C LYS B 171 -8.76 15.65 -39.78
N LYS B 172 -7.91 15.43 -38.78
CA LYS B 172 -6.63 16.13 -38.75
C LYS B 172 -5.69 15.65 -39.86
N ILE B 173 -5.70 14.34 -40.15
CA ILE B 173 -4.75 13.82 -41.12
C ILE B 173 -5.12 14.30 -42.54
N CYS B 174 -6.41 14.41 -42.83
CA CYS B 174 -6.83 14.95 -44.13
C CYS B 174 -6.59 16.46 -44.19
N GLU B 175 -6.78 17.15 -43.05
CA GLU B 175 -6.49 18.58 -43.00
C GLU B 175 -5.02 18.84 -43.26
N GLN B 176 -4.14 18.20 -42.48
CA GLN B 176 -2.71 18.45 -42.63
C GLN B 176 -2.15 17.87 -43.91
N GLY B 177 -2.81 16.86 -44.49
CA GLY B 177 -2.42 16.33 -45.79
C GLY B 177 -2.86 17.16 -46.97
N GLY B 178 -3.71 18.15 -46.75
CA GLY B 178 -4.24 18.95 -47.83
C GLY B 178 -5.20 18.21 -48.73
N ARG B 179 -5.89 17.20 -48.22
CA ARG B 179 -6.80 16.39 -49.02
C ARG B 179 -8.19 16.41 -48.40
N ASP B 180 -9.19 16.36 -49.28
CA ASP B 180 -10.60 16.43 -48.91
C ASP B 180 -11.15 15.01 -48.77
N LEU B 181 -11.81 14.75 -47.63
CA LEU B 181 -12.30 13.39 -47.37
C LEU B 181 -13.37 12.96 -48.37
N SER B 182 -14.09 13.92 -48.96
CA SER B 182 -15.16 13.58 -49.89
C SER B 182 -14.64 12.94 -51.16
N THR B 183 -13.37 13.16 -51.52
CA THR B 183 -12.76 12.53 -52.68
C THR B 183 -11.75 11.47 -52.28
N GLU B 184 -11.87 10.92 -51.08
CA GLU B 184 -10.99 9.85 -50.62
C GLU B 184 -11.67 8.50 -50.78
N LYS B 185 -10.84 7.48 -50.96
CA LYS B 185 -11.28 6.08 -50.98
C LYS B 185 -10.82 5.47 -49.66
N VAL B 186 -11.75 5.29 -48.73
CA VAL B 186 -11.44 4.93 -47.35
C VAL B 186 -11.58 3.43 -47.18
N GLY B 187 -10.52 2.80 -46.67
CA GLY B 187 -10.53 1.38 -46.36
C GLY B 187 -10.46 1.16 -44.86
N PHE B 188 -11.42 0.39 -44.36
CA PHE B 188 -11.48 0.03 -42.93
C PHE B 188 -10.94 -1.37 -42.74
N ILE B 189 -9.85 -1.48 -42.00
CA ILE B 189 -9.27 -2.78 -41.63
C ILE B 189 -9.70 -3.09 -40.20
N GLY B 190 -10.56 -4.10 -40.05
CA GLY B 190 -10.95 -4.56 -38.74
C GLY B 190 -12.09 -3.78 -38.14
N LEU B 191 -13.31 -4.29 -38.29
CA LEU B 191 -14.48 -3.59 -37.78
C LEU B 191 -15.01 -4.29 -36.52
N GLY B 192 -14.20 -4.30 -35.46
CA GLY B 192 -14.65 -4.81 -34.19
C GLY B 192 -15.38 -3.75 -33.38
N SER B 193 -15.15 -3.70 -32.07
CA SER B 193 -15.86 -2.75 -31.24
C SER B 193 -15.50 -1.32 -31.58
N VAL B 194 -14.20 -1.02 -31.65
CA VAL B 194 -13.75 0.34 -31.92
C VAL B 194 -14.17 0.76 -33.33
N GLY B 195 -13.85 -0.07 -34.33
CA GLY B 195 -14.18 0.27 -35.70
C GLY B 195 -15.65 0.52 -35.93
N MET B 196 -16.52 -0.20 -35.21
CA MET B 196 -17.95 0.00 -35.38
C MET B 196 -18.43 1.30 -34.74
N ASN B 197 -17.62 1.93 -33.89
CA ASN B 197 -17.93 3.28 -33.43
C ASN B 197 -17.44 4.31 -34.43
N VAL B 198 -16.40 3.99 -35.20
CA VAL B 198 -15.76 4.98 -36.06
C VAL B 198 -16.58 5.19 -37.33
N LEU B 199 -16.96 4.11 -38.02
CA LEU B 199 -17.63 4.23 -39.31
C LEU B 199 -18.91 5.07 -39.24
N PRO B 200 -19.88 4.78 -38.36
CA PRO B 200 -21.07 5.65 -38.32
C PRO B 200 -20.76 7.06 -37.87
N LEU B 201 -19.90 7.22 -36.87
CA LEU B 201 -19.56 8.56 -36.39
C LEU B 201 -18.87 9.37 -37.48
N MET B 202 -18.04 8.72 -38.30
CA MET B 202 -17.37 9.44 -39.38
C MET B 202 -18.38 10.01 -40.37
N LEU B 203 -19.42 9.22 -40.69
CA LEU B 203 -20.44 9.66 -41.64
C LEU B 203 -21.36 10.74 -41.06
N LYS B 204 -21.33 10.98 -39.75
CA LYS B 204 -22.11 12.06 -39.18
C LYS B 204 -21.33 13.35 -39.03
N CYS B 205 -20.02 13.26 -38.78
CA CYS B 205 -19.23 14.44 -38.42
C CYS B 205 -18.39 14.99 -39.56
N LEU B 206 -18.09 14.16 -40.56
CA LEU B 206 -17.19 14.52 -41.65
C LEU B 206 -17.88 14.34 -42.99
N PRO B 207 -17.38 15.00 -44.04
CA PRO B 207 -17.93 14.77 -45.38
C PRO B 207 -17.79 13.30 -45.79
N HIS B 208 -18.88 12.75 -46.32
CA HIS B 208 -18.87 11.35 -46.72
C HIS B 208 -17.80 11.11 -47.78
N PRO B 209 -17.02 10.04 -47.66
CA PRO B 209 -16.01 9.74 -48.68
C PRO B 209 -16.66 9.28 -49.98
N GLN B 210 -15.83 9.19 -51.01
CA GLN B 210 -16.30 8.74 -52.32
C GLN B 210 -16.49 7.23 -52.35
N GLU B 211 -15.71 6.49 -51.57
CA GLU B 211 -15.70 5.04 -51.65
C GLU B 211 -15.30 4.49 -50.29
N ILE B 212 -15.99 3.44 -49.84
CA ILE B 212 -15.73 2.81 -48.55
C ILE B 212 -15.50 1.32 -48.78
N THR B 213 -14.39 0.81 -48.24
CA THR B 213 -14.05 -0.61 -48.33
C THR B 213 -14.02 -1.21 -46.94
N LEU B 214 -14.78 -2.28 -46.73
CA LEU B 214 -14.87 -2.97 -45.45
C LEU B 214 -14.07 -4.27 -45.52
N CYS B 215 -13.06 -4.40 -44.65
CA CYS B 215 -12.15 -5.53 -44.67
C CYS B 215 -12.12 -6.21 -43.32
N ASP B 216 -12.37 -7.52 -43.31
CA ASP B 216 -12.26 -8.33 -42.10
C ASP B 216 -12.04 -9.78 -42.53
N VAL B 217 -11.90 -10.67 -41.54
CA VAL B 217 -11.59 -12.07 -41.78
C VAL B 217 -12.82 -12.79 -42.35
N TYR B 218 -12.62 -14.03 -42.82
CA TYR B 218 -13.70 -14.78 -43.44
C TYR B 218 -14.85 -15.04 -42.47
N SER B 219 -14.54 -15.19 -41.18
CA SER B 219 -15.56 -15.49 -40.19
C SER B 219 -16.59 -14.37 -40.06
N LYS B 220 -16.27 -13.17 -40.52
CA LYS B 220 -17.18 -12.02 -40.43
C LYS B 220 -17.69 -11.59 -41.79
N LEU B 221 -17.79 -12.53 -42.75
CA LEU B 221 -18.25 -12.20 -44.09
C LEU B 221 -19.67 -11.62 -44.05
N GLU B 222 -20.61 -12.36 -43.46
CA GLU B 222 -21.97 -11.87 -43.38
C GLU B 222 -22.07 -10.65 -42.48
N PHE B 223 -21.20 -10.55 -41.47
CA PHE B 223 -21.16 -9.36 -40.62
C PHE B 223 -20.84 -8.12 -41.44
N LEU B 224 -19.86 -8.22 -42.34
CA LEU B 224 -19.55 -7.10 -43.22
C LEU B 224 -20.68 -6.85 -44.22
N GLU B 225 -21.28 -7.92 -44.74
CA GLU B 225 -22.42 -7.75 -45.64
C GLU B 225 -23.57 -7.03 -44.96
N ASN B 226 -23.74 -7.24 -43.65
CA ASN B 226 -24.80 -6.56 -42.92
C ASN B 226 -24.51 -5.07 -42.77
N ILE B 227 -23.22 -4.72 -42.61
CA ILE B 227 -22.85 -3.32 -42.47
C ILE B 227 -23.16 -2.55 -43.76
N GLU B 228 -22.94 -3.18 -44.91
CA GLU B 228 -23.21 -2.52 -46.19
C GLU B 228 -24.67 -2.08 -46.28
N GLN B 229 -25.60 -2.93 -45.84
CA GLN B 229 -27.02 -2.57 -45.94
C GLN B 229 -27.38 -1.45 -44.97
N ASN B 230 -26.71 -1.38 -43.82
CA ASN B 230 -26.93 -0.25 -42.91
C ASN B 230 -26.36 1.03 -43.49
N LEU B 231 -25.23 0.93 -44.20
CA LEU B 231 -24.62 2.12 -44.78
C LEU B 231 -25.57 2.82 -45.74
N VAL B 232 -26.31 2.05 -46.54
CA VAL B 232 -27.18 2.65 -47.56
C VAL B 232 -28.56 2.99 -47.02
N HIS B 233 -29.02 2.31 -45.97
CA HIS B 233 -30.39 2.46 -45.49
C HIS B 233 -30.49 3.24 -44.19
N LYS B 234 -29.51 3.13 -43.30
CA LYS B 234 -29.50 3.87 -42.04
C LYS B 234 -28.51 5.02 -42.03
N PHE B 235 -27.28 4.78 -42.49
CA PHE B 235 -26.25 5.80 -42.46
C PHE B 235 -26.29 6.72 -43.68
N GLY B 236 -27.10 6.40 -44.68
CA GLY B 236 -27.28 7.29 -45.83
C GLY B 236 -26.04 7.46 -46.68
N PHE B 237 -25.23 6.42 -46.81
CA PHE B 237 -24.04 6.50 -47.64
C PHE B 237 -24.41 6.25 -49.09
N LYS B 238 -24.07 7.20 -49.97
CA LYS B 238 -24.40 7.10 -51.38
C LYS B 238 -23.20 6.80 -52.26
N GLY B 239 -22.02 6.61 -51.68
CA GLY B 239 -20.84 6.25 -52.44
C GLY B 239 -20.80 4.76 -52.73
N LYS B 240 -19.64 4.31 -53.21
CA LYS B 240 -19.43 2.91 -53.56
C LYS B 240 -18.93 2.13 -52.34
N ILE B 241 -19.49 0.94 -52.15
CA ILE B 241 -19.16 0.08 -51.03
C ILE B 241 -18.59 -1.22 -51.56
N LYS B 242 -17.37 -1.56 -51.14
CA LYS B 242 -16.71 -2.78 -51.55
C LYS B 242 -16.41 -3.64 -50.34
N LEU B 243 -16.60 -4.95 -50.48
CA LEU B 243 -16.40 -5.91 -49.41
C LEU B 243 -15.15 -6.73 -49.70
N ALA B 244 -14.16 -6.64 -48.82
CA ALA B 244 -12.91 -7.38 -48.94
C ALA B 244 -12.76 -8.33 -47.75
N LEU B 245 -12.25 -9.52 -48.01
CA LEU B 245 -12.04 -10.53 -46.99
C LEU B 245 -10.54 -10.74 -46.77
N SER B 246 -10.15 -10.89 -45.52
CA SER B 246 -8.75 -11.01 -45.23
C SER B 246 -8.39 -12.35 -44.68
N LYS B 247 -7.62 -13.11 -45.45
CA LYS B 247 -7.13 -14.35 -44.92
C LYS B 247 -5.77 -13.96 -44.46
N THR B 248 -5.54 -14.00 -43.15
CA THR B 248 -4.26 -13.53 -42.61
C THR B 248 -4.06 -12.08 -43.01
N THR B 249 -3.04 -11.80 -43.82
CA THR B 249 -2.78 -10.44 -44.24
C THR B 249 -3.93 -9.86 -45.03
N VAL B 250 -3.92 -8.55 -45.20
CA VAL B 250 -5.01 -7.90 -45.88
C VAL B 250 -5.03 -8.21 -47.35
N PRO B 251 -6.22 -8.21 -47.94
CA PRO B 251 -6.31 -8.44 -49.39
C PRO B 251 -5.65 -7.28 -50.14
N GLN B 252 -5.46 -7.49 -51.44
CA GLN B 252 -4.75 -6.51 -52.25
C GLN B 252 -5.63 -5.34 -52.70
N GLU B 253 -6.95 -5.41 -52.49
CA GLU B 253 -7.82 -4.31 -52.87
C GLU B 253 -7.89 -3.20 -51.84
N ILE B 254 -7.43 -3.42 -50.60
CA ILE B 254 -7.37 -2.33 -49.64
C ILE B 254 -6.21 -1.39 -49.95
N TYR B 255 -5.18 -1.87 -50.66
CA TYR B 255 -4.08 -1.00 -51.06
C TYR B 255 -4.51 -0.01 -52.14
N ASP B 256 -5.68 -0.20 -52.74
CA ASP B 256 -6.25 0.82 -53.63
C ASP B 256 -6.88 1.97 -52.87
N SER B 257 -7.00 1.87 -51.54
CA SER B 257 -7.56 2.93 -50.72
C SER B 257 -6.55 4.05 -50.53
N THR B 258 -7.04 5.28 -50.46
CA THR B 258 -6.19 6.45 -50.23
C THR B 258 -6.15 6.86 -48.76
N LEU B 259 -7.16 6.49 -47.98
CA LEU B 259 -7.13 6.59 -46.53
C LEU B 259 -7.44 5.22 -45.95
N ILE B 260 -6.59 4.76 -45.03
CA ILE B 260 -6.74 3.47 -44.37
C ILE B 260 -6.94 3.70 -42.88
N VAL B 261 -8.00 3.10 -42.34
CA VAL B 261 -8.36 3.19 -40.92
C VAL B 261 -8.28 1.78 -40.33
N GLY B 262 -7.38 1.58 -39.38
CA GLY B 262 -7.13 0.28 -38.80
C GLY B 262 -7.60 0.21 -37.35
N ALA B 263 -8.18 -0.93 -36.98
CA ALA B 263 -8.67 -1.20 -35.64
C ALA B 263 -8.76 -2.70 -35.45
N THR B 264 -7.62 -3.38 -35.60
CA THR B 264 -7.53 -4.82 -35.45
C THR B 264 -6.73 -5.17 -34.20
N ASN B 265 -6.86 -6.42 -33.78
CA ASN B 265 -6.15 -6.91 -32.61
C ASN B 265 -4.95 -7.79 -32.98
N VAL B 266 -4.65 -7.95 -34.27
CA VAL B 266 -3.49 -8.69 -34.73
C VAL B 266 -2.55 -7.72 -35.46
N ALA B 267 -1.26 -7.85 -35.19
CA ALA B 267 -0.26 -6.91 -35.67
C ALA B 267 0.28 -7.29 -37.05
N ASN B 268 0.80 -6.28 -37.75
CA ASN B 268 1.53 -6.45 -39.00
C ASN B 268 0.68 -7.16 -40.06
N VAL B 269 -0.61 -6.86 -40.08
CA VAL B 269 -1.49 -7.40 -41.11
C VAL B 269 -1.43 -6.54 -42.37
N LEU B 270 -1.10 -5.26 -42.23
CA LEU B 270 -0.95 -4.36 -43.36
C LEU B 270 0.54 -4.20 -43.68
N ASP B 271 0.91 -4.45 -44.93
CA ASP B 271 2.29 -4.24 -45.36
C ASP B 271 2.48 -2.77 -45.71
N ILE B 272 3.22 -2.04 -44.87
CA ILE B 272 3.42 -0.62 -45.08
C ILE B 272 4.13 -0.36 -46.40
N MET B 273 4.95 -1.31 -46.85
CA MET B 273 5.74 -1.14 -48.06
C MET B 273 4.93 -1.33 -49.34
N GLN B 274 3.68 -1.77 -49.25
CA GLN B 274 2.83 -1.93 -50.42
C GLN B 274 1.80 -0.83 -50.58
N VAL B 275 1.63 0.05 -49.59
CA VAL B 275 0.70 1.15 -49.75
C VAL B 275 1.26 2.15 -50.75
N LYS B 276 0.37 2.75 -51.53
CA LYS B 276 0.77 3.63 -52.61
C LYS B 276 1.29 4.96 -52.07
N PRO B 277 2.13 5.65 -52.84
CA PRO B 277 2.53 7.00 -52.46
C PRO B 277 1.32 7.91 -52.28
N GLY B 278 1.32 8.67 -51.19
CA GLY B 278 0.21 9.55 -50.86
C GLY B 278 -0.87 8.95 -49.97
N THR B 279 -0.68 7.74 -49.46
CA THR B 279 -1.68 7.11 -48.62
C THR B 279 -1.68 7.70 -47.22
N LEU B 280 -2.87 7.88 -46.65
CA LEU B 280 -3.04 8.31 -45.27
C LEU B 280 -3.46 7.13 -44.41
N ILE B 281 -2.82 6.96 -43.25
CA ILE B 281 -3.06 5.80 -42.40
C ILE B 281 -3.35 6.27 -40.98
N VAL B 282 -4.55 5.94 -40.49
CA VAL B 282 -4.94 6.20 -39.11
C VAL B 282 -5.18 4.85 -38.46
N ASP B 283 -4.35 4.49 -37.48
CA ASP B 283 -4.38 3.16 -36.88
C ASP B 283 -4.49 3.26 -35.37
N ASP B 284 -5.61 2.80 -34.82
CA ASP B 284 -5.79 2.70 -33.38
C ASP B 284 -5.21 1.41 -32.80
N SER B 285 -4.90 0.43 -33.65
CA SER B 285 -4.38 -0.85 -33.18
C SER B 285 -3.17 -0.67 -32.28
N GLY B 286 -3.12 -1.44 -31.21
CA GLY B 286 -1.98 -1.45 -30.31
C GLY B 286 -1.72 -2.86 -29.80
N PRO B 287 -0.70 -3.54 -30.34
CA PRO B 287 0.29 -3.10 -31.35
C PRO B 287 -0.30 -2.77 -32.72
N HIS B 288 0.43 -2.00 -33.52
CA HIS B 288 -0.09 -1.54 -34.79
C HIS B 288 -0.21 -2.68 -35.80
N CYS B 289 -1.20 -2.56 -36.68
CA CYS B 289 -1.43 -3.52 -37.74
C CYS B 289 -0.43 -3.38 -38.89
N PHE B 290 0.63 -2.58 -38.71
CA PHE B 290 1.73 -2.47 -39.67
C PHE B 290 3.02 -2.31 -38.88
N SER B 291 4.14 -2.43 -39.58
CA SER B 291 5.44 -2.31 -38.93
C SER B 291 5.77 -0.84 -38.71
N VAL B 292 5.88 -0.45 -37.43
CA VAL B 292 6.19 0.93 -37.10
C VAL B 292 7.57 1.31 -37.61
N GLU B 293 8.53 0.39 -37.49
CA GLU B 293 9.91 0.72 -37.86
C GLU B 293 10.05 0.93 -39.37
N GLN B 294 9.30 0.17 -40.17
CA GLN B 294 9.36 0.35 -41.61
C GLN B 294 8.60 1.58 -42.07
N ALA B 295 7.48 1.90 -41.41
CA ALA B 295 6.77 3.13 -41.73
C ALA B 295 7.64 4.36 -41.50
N ILE B 296 8.37 4.38 -40.37
CA ILE B 296 9.30 5.48 -40.11
C ILE B 296 10.39 5.52 -41.17
N LYS B 297 10.95 4.35 -41.48
CA LYS B 297 12.04 4.28 -42.46
C LYS B 297 11.57 4.77 -43.84
N ARG B 298 10.40 4.32 -44.27
CA ARG B 298 9.86 4.79 -45.55
C ARG B 298 9.58 6.29 -45.51
N PHE B 299 9.09 6.79 -44.38
CA PHE B 299 8.79 8.21 -44.28
C PHE B 299 10.06 9.06 -44.33
N GLN B 300 11.11 8.63 -43.64
CA GLN B 300 12.33 9.42 -43.62
C GLN B 300 13.04 9.42 -44.98
N GLU B 301 12.87 8.35 -45.76
CA GLU B 301 13.56 8.27 -47.04
C GLU B 301 12.74 8.83 -48.19
N ARG B 302 11.42 8.74 -48.11
CA ARG B 302 10.55 9.12 -49.21
C ARG B 302 9.49 10.15 -48.87
N GLU B 303 9.13 10.33 -47.59
CA GLU B 303 8.05 11.23 -47.19
C GLU B 303 6.81 10.96 -48.04
N ASP B 304 6.44 9.68 -48.10
CA ASP B 304 5.46 9.13 -49.03
C ASP B 304 4.08 8.94 -48.42
N ILE B 305 3.97 8.99 -47.10
CA ILE B 305 2.75 8.59 -46.41
C ILE B 305 2.59 9.47 -45.18
N LEU B 306 1.34 9.66 -44.77
CA LEU B 306 1.05 10.16 -43.42
C LEU B 306 0.45 9.01 -42.62
N PHE B 307 0.97 8.80 -41.42
CA PHE B 307 0.52 7.71 -40.57
C PHE B 307 0.56 8.16 -39.12
N SER B 308 -0.47 7.83 -38.35
CA SER B 308 -0.53 8.29 -36.98
C SER B 308 -1.36 7.34 -36.13
N GLU B 309 -1.17 7.44 -34.81
CA GLU B 309 -2.07 6.83 -33.85
C GLU B 309 -3.48 7.36 -34.06
N GLY B 310 -4.47 6.54 -33.73
CA GLY B 310 -5.85 6.94 -33.90
C GLY B 310 -6.60 7.25 -32.62
N GLY B 311 -6.17 6.65 -31.51
CA GLY B 311 -6.86 6.79 -30.25
C GLY B 311 -6.31 7.84 -29.31
N MET B 312 -5.33 8.63 -29.75
CA MET B 312 -4.69 9.62 -28.90
C MET B 312 -5.38 10.98 -29.04
N LEU B 313 -5.85 11.52 -27.92
CA LEU B 313 -6.42 12.85 -27.87
C LEU B 313 -5.36 13.87 -27.49
N ARG B 314 -5.57 15.12 -27.90
CA ARG B 314 -4.75 16.25 -27.48
C ARG B 314 -5.62 17.20 -26.69
N SER B 315 -5.25 17.45 -25.44
CA SER B 315 -5.94 18.42 -24.61
C SER B 315 -5.48 19.83 -24.96
N PRO B 316 -6.39 20.82 -24.87
CA PRO B 316 -5.95 22.21 -25.07
C PRO B 316 -5.03 22.70 -23.96
N PHE B 317 -5.11 22.12 -22.76
CA PHE B 317 -4.27 22.53 -21.65
C PHE B 317 -3.34 21.38 -21.25
N PRO B 318 -2.13 21.70 -20.77
CA PRO B 318 -1.16 20.64 -20.50
C PRO B 318 -1.56 19.80 -19.30
N ILE B 319 -1.07 18.56 -19.30
CA ILE B 319 -1.37 17.58 -18.25
C ILE B 319 -0.09 17.30 -17.48
N LYS B 320 -0.19 17.27 -16.15
CA LYS B 320 0.95 16.93 -15.31
C LYS B 320 0.91 15.45 -14.98
N THR B 321 1.94 14.72 -15.40
CA THR B 321 2.03 13.29 -15.21
C THR B 321 3.05 12.98 -14.12
N THR B 322 2.63 12.24 -13.11
CA THR B 322 3.53 11.68 -12.11
C THR B 322 3.78 10.22 -12.46
N VAL B 323 5.05 9.80 -12.42
CA VAL B 323 5.45 8.46 -12.86
C VAL B 323 6.19 7.77 -11.73
N HIS B 324 5.69 6.60 -11.34
CA HIS B 324 6.37 5.73 -10.39
C HIS B 324 6.60 4.40 -11.09
N LEU B 325 7.85 4.13 -11.45
CA LEU B 325 8.21 2.87 -12.09
C LEU B 325 8.42 1.80 -11.03
N LEU B 326 8.11 0.55 -11.39
CA LEU B 326 8.31 -0.56 -10.47
C LEU B 326 9.79 -0.68 -10.14
N PRO B 327 10.19 -0.52 -8.87
CA PRO B 327 11.61 -0.35 -8.55
C PRO B 327 12.50 -1.49 -9.04
N SER B 328 12.02 -2.74 -8.99
CA SER B 328 12.83 -3.86 -9.47
C SER B 328 13.09 -3.75 -10.96
N VAL B 329 12.09 -3.31 -11.72
CA VAL B 329 12.28 -3.14 -13.16
C VAL B 329 13.05 -1.87 -13.47
N GLU B 330 12.96 -0.85 -12.60
CA GLU B 330 13.61 0.43 -12.89
C GLU B 330 15.13 0.29 -12.98
N LYS B 331 15.71 -0.67 -12.23
CA LYS B 331 17.15 -0.88 -12.31
C LYS B 331 17.58 -1.22 -13.73
N ILE B 332 16.79 -2.03 -14.45
CA ILE B 332 17.09 -2.32 -15.83
C ILE B 332 16.63 -1.19 -16.75
N MET B 333 15.55 -0.49 -16.36
CA MET B 333 15.01 0.63 -17.12
C MET B 333 16.04 1.73 -17.37
N ASN B 343 9.30 11.60 -22.09
CA ASN B 343 9.42 12.62 -23.14
C ASN B 343 8.11 12.76 -23.91
N SER B 344 7.03 12.23 -23.34
CA SER B 344 5.72 12.32 -23.96
C SER B 344 5.30 13.78 -24.11
N ASN B 345 4.38 14.02 -25.02
CA ASN B 345 3.80 15.34 -25.20
C ASN B 345 2.86 15.63 -24.04
N PRO B 346 3.12 16.64 -23.22
CA PRO B 346 2.26 16.89 -22.04
C PRO B 346 0.83 17.28 -22.39
N PHE B 347 0.49 17.46 -23.67
CA PHE B 347 -0.88 17.74 -24.06
C PHE B 347 -1.64 16.49 -24.45
N ASN B 348 -0.98 15.34 -24.59
CA ASN B 348 -1.62 14.14 -25.10
C ASN B 348 -2.14 13.26 -23.96
N ILE B 349 -3.29 12.66 -24.19
CA ILE B 349 -3.83 11.62 -23.31
C ILE B 349 -4.67 10.70 -24.18
N MET B 350 -4.59 9.39 -23.91
CA MET B 350 -5.32 8.42 -24.73
C MET B 350 -6.81 8.54 -24.51
N GLY B 351 -7.58 8.40 -25.60
CA GLY B 351 -9.02 8.55 -25.50
C GLY B 351 -9.67 7.53 -24.60
N CYS B 352 -9.12 6.31 -24.56
CA CYS B 352 -9.72 5.27 -23.73
C CYS B 352 -9.63 5.64 -22.25
N ALA B 353 -8.42 5.94 -21.77
CA ALA B 353 -8.27 6.36 -20.38
C ALA B 353 -9.09 7.60 -20.08
N PHE B 354 -9.02 8.61 -20.96
CA PHE B 354 -9.77 9.84 -20.71
C PHE B 354 -11.27 9.61 -20.64
N SER B 355 -11.76 8.51 -21.23
CA SER B 355 -13.19 8.21 -21.20
C SER B 355 -13.69 8.02 -19.77
N ALA B 356 -12.87 7.42 -18.90
CA ALA B 356 -13.28 7.23 -17.51
C ALA B 356 -13.46 8.57 -16.81
N LEU B 357 -12.53 9.50 -17.05
CA LEU B 357 -12.66 10.84 -16.49
C LEU B 357 -13.89 11.56 -17.04
N LEU B 358 -14.21 11.35 -18.32
CA LEU B 358 -15.41 11.97 -18.88
C LEU B 358 -16.67 11.49 -18.19
N SER B 359 -16.76 10.18 -17.90
CA SER B 359 -17.95 9.66 -17.23
C SER B 359 -18.09 10.25 -15.83
N SER B 360 -16.99 10.53 -15.15
CA SER B 360 -17.04 11.05 -13.79
C SER B 360 -17.43 12.52 -13.73
N GLN B 361 -17.34 13.25 -14.85
CA GLN B 361 -17.63 14.67 -14.87
C GLN B 361 -18.92 15.02 -15.61
N PHE B 362 -19.45 14.11 -16.42
CA PHE B 362 -20.69 14.36 -17.17
C PHE B 362 -21.53 13.09 -17.12
N GLU B 363 -22.55 13.09 -16.25
CA GLU B 363 -23.40 11.91 -16.12
C GLU B 363 -24.18 11.58 -17.38
N GLN B 364 -24.20 12.49 -18.36
CA GLN B 364 -24.82 12.14 -19.64
C GLN B 364 -24.04 11.05 -20.35
N LEU B 365 -22.71 11.06 -20.24
CA LEU B 365 -21.85 10.07 -20.89
C LEU B 365 -21.72 8.86 -19.97
N GLU B 366 -22.54 7.85 -20.19
CA GLU B 366 -22.50 6.69 -19.32
C GLU B 366 -21.46 5.68 -19.80
N PRO B 367 -20.96 4.84 -18.90
CA PRO B 367 -19.97 3.83 -19.29
C PRO B 367 -20.54 2.85 -20.32
N THR B 368 -19.64 2.17 -21.02
CA THR B 368 -20.02 1.20 -22.03
C THR B 368 -19.44 -0.16 -21.68
N VAL B 369 -20.28 -1.19 -21.68
CA VAL B 369 -19.85 -2.56 -21.53
C VAL B 369 -20.48 -3.37 -22.66
N GLY B 370 -19.70 -4.29 -23.23
CA GLY B 370 -20.11 -5.03 -24.40
C GLY B 370 -20.03 -4.17 -25.65
N ILE B 371 -20.18 -4.82 -26.80
CA ILE B 371 -20.36 -4.11 -28.06
C ILE B 371 -21.70 -3.38 -28.03
N CYS B 372 -21.66 -2.08 -28.29
CA CYS B 372 -22.82 -1.22 -28.09
C CYS B 372 -23.24 -0.58 -29.40
N ASP B 373 -24.45 -0.02 -29.38
CA ASP B 373 -25.03 0.57 -30.59
C ASP B 373 -24.23 1.76 -31.07
N GLY B 374 -23.53 2.44 -30.17
CA GLY B 374 -22.80 3.64 -30.56
C GLY B 374 -23.65 4.77 -31.07
N GLU B 375 -24.92 4.83 -30.65
CA GLU B 375 -25.72 6.01 -30.97
C GLU B 375 -25.17 7.25 -30.26
N GLN B 376 -24.84 7.11 -28.98
CA GLN B 376 -24.31 8.20 -28.16
C GLN B 376 -22.86 8.53 -28.52
N SER B 377 -22.31 7.89 -29.55
CA SER B 377 -20.97 8.21 -29.99
C SER B 377 -20.84 9.68 -30.38
N GLU B 378 -21.90 10.26 -30.95
CA GLU B 378 -21.83 11.66 -31.37
C GLU B 378 -21.68 12.59 -30.17
N LEU B 379 -22.30 12.24 -29.04
CA LEU B 379 -22.23 13.10 -27.87
C LEU B 379 -20.80 13.18 -27.32
N HIS B 380 -20.07 12.05 -27.34
CA HIS B 380 -18.65 12.09 -27.01
C HIS B 380 -17.89 13.04 -27.94
N TYR B 381 -18.22 13.01 -29.23
CA TYR B 381 -17.54 13.87 -30.19
C TYR B 381 -17.85 15.33 -29.94
N GLN B 382 -19.12 15.65 -29.71
CA GLN B 382 -19.52 17.03 -29.47
C GLN B 382 -18.93 17.58 -28.18
N ILE B 383 -18.91 16.76 -27.12
CA ILE B 383 -18.41 17.23 -25.83
C ILE B 383 -16.91 17.45 -25.89
N LEU B 384 -16.18 16.61 -26.64
CA LEU B 384 -14.76 16.86 -26.87
C LEU B 384 -14.54 18.15 -27.66
N GLN B 385 -15.44 18.46 -28.59
CA GLN B 385 -15.26 19.68 -29.38
C GLN B 385 -15.52 20.92 -28.55
N GLU B 386 -16.55 20.90 -27.70
CA GLU B 386 -16.82 22.04 -26.83
C GLU B 386 -15.65 22.31 -25.90
N LEU B 387 -15.02 21.26 -25.38
CA LEU B 387 -13.84 21.40 -24.53
C LEU B 387 -12.60 21.77 -25.33
N GLU B 388 -12.73 21.92 -26.65
CA GLU B 388 -11.63 22.32 -27.54
C GLU B 388 -10.54 21.25 -27.63
N PHE B 389 -10.94 19.99 -27.47
CA PHE B 389 -10.06 18.87 -27.72
C PHE B 389 -9.94 18.62 -29.22
N GLU B 390 -8.81 18.05 -29.62
CA GLU B 390 -8.62 17.53 -30.97
C GLU B 390 -7.79 16.26 -30.87
N ALA B 391 -7.50 15.66 -32.02
CA ALA B 391 -6.63 14.50 -32.02
C ALA B 391 -5.20 14.92 -31.71
N GLY B 392 -4.40 13.97 -31.24
CA GLY B 392 -2.98 14.23 -31.07
C GLY B 392 -2.33 14.55 -32.40
N ASP B 393 -1.29 15.39 -32.36
CA ASP B 393 -0.53 15.67 -33.57
C ASP B 393 0.04 14.37 -34.12
N LEU B 394 0.17 14.32 -35.45
CA LEU B 394 0.47 13.07 -36.12
C LEU B 394 1.76 12.47 -35.58
N HIS B 395 1.64 11.28 -35.00
CA HIS B 395 2.78 10.61 -34.38
C HIS B 395 2.49 9.11 -34.35
N CYS B 396 3.55 8.33 -34.15
CA CYS B 396 3.43 6.88 -34.07
C CYS B 396 4.38 6.40 -32.98
N GLU B 397 3.83 6.02 -31.83
CA GLU B 397 4.58 5.61 -30.65
C GLU B 397 5.61 6.70 -30.36
N HIS B 398 6.90 6.38 -30.41
CA HIS B 398 7.96 7.34 -30.11
C HIS B 398 8.25 8.42 -31.16
N TYR B 399 7.69 8.31 -32.35
CA TYR B 399 8.08 9.14 -33.48
C TYR B 399 7.02 10.18 -33.82
N VAL B 400 7.41 11.45 -33.77
CA VAL B 400 6.56 12.56 -34.18
C VAL B 400 6.91 12.93 -35.62
N LEU B 401 5.91 13.01 -36.48
CA LEU B 401 6.15 13.41 -37.87
C LEU B 401 6.43 14.90 -37.96
N PRO B 402 7.63 15.32 -38.37
CA PRO B 402 7.97 16.75 -38.36
C PRO B 402 7.01 17.58 -39.20
N ALA B 403 6.70 18.78 -38.70
CA ALA B 403 5.77 19.66 -39.40
C ALA B 403 6.28 20.04 -40.79
N LYS B 404 7.61 20.15 -40.95
CA LYS B 404 8.17 20.47 -42.25
C LYS B 404 7.94 19.33 -43.24
N SER B 405 8.08 18.09 -42.78
CA SER B 405 7.84 16.94 -43.64
C SER B 405 6.38 16.82 -44.01
N ILE B 406 5.48 17.12 -43.07
CA ILE B 406 4.06 17.15 -43.39
C ILE B 406 3.78 18.21 -44.46
N ALA B 407 4.42 19.37 -44.36
CA ALA B 407 4.22 20.40 -45.37
C ALA B 407 4.69 19.91 -46.73
N ASN B 408 5.85 19.25 -46.79
CA ASN B 408 6.32 18.69 -48.06
C ASN B 408 5.34 17.67 -48.61
N PHE B 409 4.80 16.80 -47.75
CA PHE B 409 3.78 15.84 -48.19
C PHE B 409 2.57 16.56 -48.75
N ARG B 410 2.12 17.62 -48.08
CA ARG B 410 0.93 18.34 -48.52
C ARG B 410 1.12 18.89 -49.92
N GLN B 411 2.34 19.30 -50.26
CA GLN B 411 2.60 19.91 -51.55
C GLN B 411 2.83 18.87 -52.64
N ARG B 412 3.18 17.62 -52.28
CA ARG B 412 3.53 16.61 -53.26
C ARG B 412 2.43 15.60 -53.51
N PHE B 413 1.39 15.54 -52.68
CA PHE B 413 0.46 14.41 -52.76
C PHE B 413 -0.98 14.88 -52.65
N GLY B 414 -1.32 15.98 -53.33
CA GLY B 414 -2.70 16.30 -53.55
C GLY B 414 -3.37 15.26 -54.43
N LYS B 415 -4.70 15.34 -54.51
CA LYS B 415 -5.44 14.33 -55.27
C LYS B 415 -5.02 14.32 -56.74
N ASP B 416 -4.79 15.50 -57.32
CA ASP B 416 -4.39 15.58 -58.73
C ASP B 416 -3.00 15.01 -58.99
N LEU B 417 -2.18 14.85 -57.96
CA LEU B 417 -0.79 14.45 -58.14
C LEU B 417 -0.53 12.98 -57.84
N LEU B 418 -1.52 12.26 -57.29
CA LEU B 418 -1.27 10.89 -56.84
C LEU B 418 -0.88 9.99 -58.00
N GLU B 419 -1.52 10.17 -59.16
CA GLU B 419 -1.23 9.32 -60.32
C GLU B 419 0.15 9.59 -60.93
N HIS B 420 0.84 10.66 -60.52
CA HIS B 420 2.12 11.02 -61.13
C HIS B 420 3.30 10.62 -60.26
N HIS B 421 3.11 9.64 -59.38
CA HIS B 421 4.19 9.06 -58.57
C HIS B 421 4.37 7.60 -58.94
N HIS B 422 5.62 7.18 -59.03
CA HIS B 422 5.95 5.80 -59.36
C HIS B 422 5.63 4.91 -58.16
N HIS B 423 4.60 4.07 -58.29
CA HIS B 423 4.27 3.10 -57.26
C HIS B 423 5.19 1.90 -57.38
N HIS B 424 6.18 1.80 -56.48
CA HIS B 424 7.13 0.71 -56.52
C HIS B 424 6.43 -0.64 -56.35
N HIS B 425 6.39 -1.42 -57.43
CA HIS B 425 5.74 -2.74 -57.41
C HIS B 425 6.74 -3.85 -57.11
#